data_5ZUF
#
_entry.id   5ZUF
#
loop_
_entity.id
_entity.type
_entity.pdbx_description
1 polymer 'Capsid protein VP1'
2 polymer VP2
3 polymer VP3
4 polymer 'R10 ANTIBODY LIGHT CHAIN'
5 polymer 'R10 ANTIBODY HEAVY CHAIN'
#
loop_
_entity_poly.entity_id
_entity_poly.type
_entity_poly.pdbx_seq_one_letter_code
_entity_poly.pdbx_strand_id
1 'polypeptide(L)'
;GDRVADVIESSIEDSSSRALTHALPAPTGQNTQVSSHRLDTGKVPALQAAEIGASSNASDESMIETRCVLNSHSTAETTL
DSFFSRAGLVGEIDLPLKGTTNPNGYANWDIDITGYAQMRRKVELFTYMRFDAEFTFVACTPTGEVVPQLLQYMFVPPGA
PKPDSRESLAWQTATNPSVFVKLSDPPAQVSVPFMSPASAYQWFYDGYPTFGEHKQEKDLEYGAMPNNMMGTFSVRTVGT
SKSKYPLVVRIYMRMKHVRAWIPRPMRNQNYLFKANPNYAGNSIKPTGASRTAITTL
;
A
2 'polypeptide(L)'
;SDRVAQLTIGNSTITTQEAANIIVGYGEWPSYCSDSDATAVDKPTRPDVSVNRFYTLDTKLWEKSSKGWYWKFPDVLTET
GVFGQNAQFHYLYRSGFCIHVQCNASKFHQGALLVAVLPEYVIGTVAGGTGTEDTHPPYKQTQPGADGFELQHPYVLDAG
IPISQLTVCPHQWINLRTNNCATIIVPYINALPFDSALNHCNFGLLVVPISPLDYDQGATPVIPITITLAPMCSEFAGLR
QAVTQ
;
B
3 'polypeptide(L)'
;GFPTELKPGTNQFLTTDDGVSAPILPNFHPTPCIHIPGEVRNLLELCQVETILEVNNVPTNATSLMERLRFPVSAQAGKG
ELCAVFRADPGRNGPWQSTLLGQLCGYYTQWSGSLEVTFMFTGSFMATGKMLIAYTPPGGPLPKDRATAMLGTHVIWDFG
LQSSVTLVIPWISNTHYRAHARDGVFDYYTTGLVSIWYQTNYVVPIGAPNTAYIIALAAAQKNFTMKLCKDASDILQTGT
IQ
;
C
4 'polypeptide(L)'
;DIVLTQSPAIMSASPGEKVTMTCSASSSVSYIHWYQQKSGTSPKRWIYDTSRLAFGVPGRFSGSGSGTSYSLTISSMEAE
DAATYYCQQWSSNYTFGGGTNLEIKRADAAPTVSIFPPSSEQLTSGGASVVCFLNNFYPKDINVKWKIDGSERQNGVLNS
WTDQDSKDSTYSMSSTLTLTKDEYERHNSYTCEATHKTSTSPIVKSFNRNEC
;
D
5 'polypeptide(L)'
;EVKLVESGGGSVKPGGSLKLSCAASGFSFSTYGMSWVRQTPEKRLEWVATISGGGGYTYYPDSVKGRFTISRDNARNILY
LQMSSLRSGDTAMYYCARRVTTVAEYYFDYWGQGTTLTVSSPKTTPPSVYPLAPAAAQTNSMVTLGCLVKGYFPEPVTVT
WNSGSLSSGVHTFPAVLQSDLYTLSSSVTVPSSTWPSETVTCNVAHPASSTKVDKKIVPR
;
E
#
# COMPACT_ATOMS: atom_id res chain seq x y z
N HIS A 73 30.44 -13.16 -25.73
CA HIS A 73 30.70 -14.47 -25.09
C HIS A 73 31.61 -14.41 -23.84
N SER A 74 32.38 -13.33 -23.68
CA SER A 74 33.29 -13.18 -22.53
C SER A 74 32.68 -12.45 -21.35
N THR A 75 33.10 -12.86 -20.16
CA THR A 75 32.58 -12.26 -18.93
C THR A 75 33.71 -11.82 -18.02
N ALA A 76 34.67 -11.12 -18.58
CA ALA A 76 35.79 -10.65 -17.80
C ALA A 76 35.36 -9.43 -16.97
N GLU A 77 34.51 -8.62 -17.55
CA GLU A 77 34.06 -7.41 -16.87
C GLU A 77 33.23 -7.63 -15.62
N THR A 78 32.58 -8.78 -15.50
CA THR A 78 31.73 -9.05 -14.34
C THR A 78 32.47 -9.74 -13.19
N THR A 79 33.79 -9.64 -13.17
CA THR A 79 34.57 -10.25 -12.11
C THR A 79 34.69 -9.26 -10.98
N LEU A 80 35.11 -9.73 -9.81
CA LEU A 80 35.26 -8.85 -8.68
C LEU A 80 36.31 -7.79 -8.98
N ASP A 81 37.52 -8.24 -9.31
CA ASP A 81 38.61 -7.32 -9.61
C ASP A 81 38.21 -6.26 -10.63
N SER A 82 37.49 -6.66 -11.67
CA SER A 82 37.04 -5.72 -12.72
C SER A 82 36.11 -4.66 -12.14
N PHE A 83 35.23 -5.12 -11.28
CA PHE A 83 34.22 -4.30 -10.61
C PHE A 83 34.82 -3.25 -9.69
N PHE A 84 35.85 -3.65 -8.95
CA PHE A 84 36.51 -2.79 -7.98
C PHE A 84 37.83 -2.10 -8.40
N SER A 85 38.27 -2.27 -9.65
CA SER A 85 39.51 -1.62 -10.09
C SER A 85 39.28 -0.12 -10.07
N ARG A 86 39.92 0.59 -11.00
CA ARG A 86 39.74 2.02 -11.07
C ARG A 86 40.17 2.72 -9.78
N ALA A 87 40.98 3.75 -9.92
CA ALA A 87 41.45 4.52 -8.79
C ALA A 87 40.46 5.64 -8.57
N GLY A 88 39.73 5.59 -7.46
CA GLY A 88 38.75 6.62 -7.19
C GLY A 88 39.27 7.64 -6.21
N LEU A 89 38.63 8.79 -6.16
CA LEU A 89 39.03 9.83 -5.22
C LEU A 89 38.41 9.51 -3.87
N VAL A 90 39.23 9.38 -2.85
CA VAL A 90 38.73 9.09 -1.53
C VAL A 90 39.15 10.11 -0.49
N GLY A 91 40.01 11.05 -0.89
CA GLY A 91 40.45 12.06 0.06
C GLY A 91 40.89 13.36 -0.55
N GLU A 92 40.76 14.44 0.21
CA GLU A 92 41.14 15.78 -0.24
C GLU A 92 41.56 16.62 0.96
N ILE A 93 42.83 17.02 0.98
CA ILE A 93 43.40 17.81 2.06
C ILE A 93 43.51 19.28 1.67
N ASP A 94 43.16 20.17 2.58
CA ASP A 94 43.28 21.59 2.29
C ASP A 94 44.32 22.16 3.21
N LEU A 95 45.26 22.89 2.64
CA LEU A 95 46.31 23.50 3.43
C LEU A 95 46.43 24.96 3.05
N PRO A 96 45.41 25.74 3.42
CA PRO A 96 45.35 27.19 3.14
C PRO A 96 46.40 27.91 3.94
N LEU A 97 46.63 29.17 3.58
CA LEU A 97 47.61 30.02 4.27
C LEU A 97 46.90 30.68 5.46
N LYS A 98 45.83 31.39 5.13
CA LYS A 98 45.01 32.07 6.12
C LYS A 98 43.80 31.15 6.22
N GLY A 99 43.49 30.68 7.41
CA GLY A 99 42.34 29.82 7.48
C GLY A 99 42.05 29.19 8.80
N THR A 100 40.83 28.69 8.88
CA THR A 100 40.32 28.01 10.04
C THR A 100 40.70 26.55 9.87
N THR A 101 40.74 26.14 8.60
CA THR A 101 41.06 24.78 8.18
C THR A 101 42.57 24.46 8.24
N ASN A 102 42.92 23.37 8.92
CA ASN A 102 44.31 22.92 9.09
C ASN A 102 45.27 24.09 9.19
N PRO A 103 45.18 24.83 10.31
CA PRO A 103 46.01 26.00 10.58
C PRO A 103 47.52 25.77 10.72
N ASN A 104 47.94 24.54 11.00
CA ASN A 104 49.37 24.26 11.17
C ASN A 104 50.10 23.70 9.96
N GLY A 105 49.61 24.02 8.77
CA GLY A 105 50.26 23.54 7.58
C GLY A 105 50.54 22.05 7.54
N TYR A 106 49.60 21.25 8.05
CA TYR A 106 49.71 19.79 8.04
C TYR A 106 48.32 19.20 8.28
N ALA A 107 48.16 17.90 8.02
CA ALA A 107 46.87 17.25 8.20
C ALA A 107 47.00 15.73 8.36
N ASN A 108 46.08 15.11 9.08
CA ASN A 108 46.08 13.66 9.30
C ASN A 108 44.81 13.06 8.72
N TRP A 109 44.96 12.08 7.82
CA TRP A 109 43.80 11.45 7.19
C TRP A 109 43.73 9.95 7.43
N ASP A 110 42.88 9.54 8.36
CA ASP A 110 42.72 8.13 8.63
C ASP A 110 42.06 7.57 7.38
N ILE A 111 42.66 6.52 6.83
CA ILE A 111 42.18 5.92 5.61
C ILE A 111 40.75 5.39 5.65
N ASP A 112 39.89 6.06 4.89
CA ASP A 112 38.46 5.75 4.77
C ASP A 112 38.19 5.47 3.29
N ILE A 113 37.82 4.24 2.95
CA ILE A 113 37.57 3.91 1.55
C ILE A 113 36.16 4.28 1.13
N THR A 114 35.40 4.83 2.07
CA THR A 114 34.04 5.25 1.80
C THR A 114 34.14 6.65 1.18
N GLY A 115 35.36 7.20 1.20
CA GLY A 115 35.64 8.52 0.65
C GLY A 115 35.08 8.74 -0.75
N TYR A 116 34.95 7.65 -1.49
CA TYR A 116 34.38 7.69 -2.81
C TYR A 116 32.93 7.30 -2.51
N ALA A 117 32.03 8.28 -2.56
CA ALA A 117 30.60 8.08 -2.28
C ALA A 117 30.08 6.71 -2.69
N GLN A 118 30.06 6.51 -4.00
CA GLN A 118 29.59 5.28 -4.64
C GLN A 118 30.09 4.00 -4.00
N MET A 119 31.28 4.06 -3.40
CA MET A 119 31.91 2.89 -2.79
C MET A 119 31.12 2.10 -1.76
N ARG A 120 30.79 2.74 -0.64
CA ARG A 120 30.08 2.07 0.46
C ARG A 120 29.09 1.00 0.05
N ARG A 121 28.14 1.35 -0.80
CA ARG A 121 27.12 0.40 -1.22
C ARG A 121 27.66 -0.80 -2.01
N LYS A 122 28.71 -0.57 -2.80
CA LYS A 122 29.34 -1.62 -3.62
C LYS A 122 30.02 -2.67 -2.78
N VAL A 123 30.78 -2.23 -1.81
CA VAL A 123 31.46 -3.16 -0.96
C VAL A 123 30.45 -3.82 -0.03
N GLU A 124 29.50 -3.04 0.49
CA GLU A 124 28.50 -3.60 1.41
C GLU A 124 27.57 -4.63 0.77
N LEU A 125 28.02 -5.19 -0.35
CA LEU A 125 27.28 -6.22 -1.05
C LEU A 125 27.78 -7.54 -0.49
N PHE A 126 28.98 -7.49 0.06
CA PHE A 126 29.63 -8.66 0.65
C PHE A 126 29.84 -8.48 2.14
N THR A 127 29.98 -9.60 2.83
CA THR A 127 30.18 -9.59 4.26
C THR A 127 31.67 -9.46 4.59
N TYR A 128 32.50 -10.21 3.87
CA TYR A 128 33.94 -10.17 4.09
C TYR A 128 34.67 -9.83 2.79
N MET A 129 35.83 -9.19 2.92
CA MET A 129 36.62 -8.83 1.76
C MET A 129 38.09 -8.80 2.10
N ARG A 130 38.92 -8.69 1.08
CA ARG A 130 40.36 -8.67 1.27
C ARG A 130 40.91 -8.00 0.02
N PHE A 131 41.96 -7.20 0.18
CA PHE A 131 42.57 -6.49 -0.97
C PHE A 131 43.77 -5.60 -0.64
N ASP A 132 44.40 -5.12 -1.70
CA ASP A 132 45.54 -4.21 -1.57
C ASP A 132 45.10 -2.90 -2.21
N ALA A 133 45.69 -1.80 -1.76
CA ALA A 133 45.33 -0.49 -2.28
C ALA A 133 46.52 0.24 -2.85
N GLU A 134 46.31 0.84 -4.01
CA GLU A 134 47.34 1.59 -4.66
C GLU A 134 46.92 3.04 -4.51
N PHE A 135 47.76 3.81 -3.86
CA PHE A 135 47.47 5.20 -3.62
C PHE A 135 48.26 6.12 -4.52
N THR A 136 47.56 7.08 -5.10
CA THR A 136 48.19 8.04 -5.97
C THR A 136 47.81 9.42 -5.47
N PHE A 137 48.82 10.26 -5.26
CA PHE A 137 48.68 11.62 -4.74
C PHE A 137 48.79 12.74 -5.74
N VAL A 138 47.77 13.58 -5.74
CA VAL A 138 47.68 14.70 -6.63
C VAL A 138 47.62 16.00 -5.85
N ALA A 139 48.67 16.81 -5.97
CA ALA A 139 48.78 18.06 -5.25
C ALA A 139 49.02 19.29 -6.14
N CYS A 140 48.30 20.38 -5.82
CA CYS A 140 48.38 21.64 -6.55
C CYS A 140 47.78 22.75 -5.69
N THR A 141 47.75 23.98 -6.21
CA THR A 141 47.14 25.07 -5.47
C THR A 141 45.68 25.00 -5.89
N PRO A 142 44.79 25.66 -5.16
CA PRO A 142 43.35 25.66 -5.45
C PRO A 142 42.93 25.84 -6.91
N THR A 143 43.69 26.60 -7.70
CA THR A 143 43.35 26.79 -9.10
C THR A 143 43.95 25.66 -9.95
N GLY A 144 44.55 24.68 -9.27
CA GLY A 144 45.17 23.54 -9.96
C GLY A 144 46.54 23.89 -10.51
N GLU A 145 47.21 24.82 -9.85
CA GLU A 145 48.53 25.29 -10.27
C GLU A 145 49.66 24.44 -9.68
N VAL A 146 50.81 24.46 -10.36
CA VAL A 146 52.00 23.72 -9.91
C VAL A 146 53.04 24.72 -9.43
N VAL A 147 53.64 24.45 -8.27
CA VAL A 147 54.67 25.34 -7.71
C VAL A 147 55.84 24.59 -7.08
N PRO A 148 57.01 25.24 -7.02
CA PRO A 148 58.22 24.65 -6.45
C PRO A 148 58.15 24.47 -4.94
N GLN A 149 57.37 23.50 -4.50
CA GLN A 149 57.25 23.25 -3.08
C GLN A 149 57.38 21.76 -2.86
N LEU A 150 58.15 21.40 -1.85
CA LEU A 150 58.37 20.01 -1.54
C LEU A 150 57.38 19.55 -0.47
N LEU A 151 56.98 18.27 -0.52
CA LEU A 151 56.01 17.74 0.44
C LEU A 151 56.36 16.41 1.05
N GLN A 152 55.85 16.19 2.26
CA GLN A 152 56.08 14.93 2.94
C GLN A 152 54.75 14.23 3.17
N TYR A 153 54.68 12.99 2.71
CA TYR A 153 53.50 12.21 2.93
C TYR A 153 53.99 11.12 3.88
N MET A 154 53.34 10.99 5.02
CA MET A 154 53.74 9.98 6.00
C MET A 154 52.59 9.05 6.23
N PHE A 155 52.92 7.76 6.22
CA PHE A 155 51.92 6.75 6.46
C PHE A 155 52.20 6.21 7.84
N VAL A 156 51.23 6.36 8.74
CA VAL A 156 51.43 5.85 10.08
C VAL A 156 50.57 4.60 10.17
N PRO A 157 51.22 3.43 10.26
CA PRO A 157 50.47 2.17 10.33
C PRO A 157 49.53 2.20 11.54
N PRO A 158 48.52 1.31 11.54
CA PRO A 158 47.63 1.34 12.71
C PRO A 158 48.45 0.95 13.95
N GLY A 159 48.21 1.62 15.07
CA GLY A 159 48.97 1.30 16.26
C GLY A 159 50.11 2.29 16.44
N ALA A 160 50.48 2.95 15.35
CA ALA A 160 51.54 3.95 15.41
C ALA A 160 50.83 5.26 15.72
N PRO A 161 51.49 6.17 16.45
CA PRO A 161 50.98 7.48 16.85
C PRO A 161 51.03 8.55 15.77
N LYS A 162 49.89 9.19 15.52
CA LYS A 162 49.81 10.25 14.52
C LYS A 162 50.43 11.52 15.11
N PRO A 163 50.95 12.43 14.26
CA PRO A 163 51.55 13.68 14.75
C PRO A 163 50.52 14.68 15.27
N ASP A 164 50.72 15.16 16.49
CA ASP A 164 49.80 16.11 17.08
C ASP A 164 50.13 17.53 16.62
N SER A 165 51.35 17.73 16.14
CA SER A 165 51.77 19.06 15.69
C SER A 165 52.66 19.01 14.48
N ARG A 166 52.97 20.18 13.97
CA ARG A 166 53.82 20.30 12.79
C ARG A 166 55.29 20.02 13.11
N GLU A 167 55.56 19.62 14.35
CA GLU A 167 56.94 19.30 14.79
C GLU A 167 57.00 18.05 15.66
N SER A 168 55.91 17.29 15.65
CA SER A 168 55.84 16.06 16.40
C SER A 168 57.00 15.18 15.92
N LEU A 169 57.65 14.45 16.81
CA LEU A 169 58.77 13.61 16.40
C LEU A 169 58.33 12.42 15.56
N ALA A 170 57.02 12.24 15.43
CA ALA A 170 56.47 11.14 14.65
C ALA A 170 56.91 11.30 13.21
N TRP A 171 57.01 12.55 12.77
CA TRP A 171 57.41 12.83 11.41
C TRP A 171 58.76 12.21 11.11
N GLN A 172 59.58 11.98 12.14
CA GLN A 172 60.90 11.40 11.92
C GLN A 172 61.07 9.96 12.35
N THR A 173 59.98 9.33 12.77
CA THR A 173 60.05 7.94 13.17
C THR A 173 60.16 7.04 11.93
N ALA A 174 61.34 6.44 11.75
CA ALA A 174 61.61 5.56 10.62
C ALA A 174 60.52 4.55 10.37
N THR A 175 59.92 4.03 11.44
CA THR A 175 58.85 3.02 11.32
C THR A 175 57.54 3.54 10.73
N ASN A 176 57.55 4.80 10.31
CA ASN A 176 56.41 5.42 9.65
C ASN A 176 56.95 5.72 8.27
N PRO A 177 56.60 4.90 7.29
CA PRO A 177 57.07 5.10 5.92
C PRO A 177 56.71 6.52 5.54
N SER A 178 57.61 7.18 4.84
CA SER A 178 57.33 8.54 4.40
C SER A 178 57.88 8.59 3.01
N VAL A 179 57.29 9.45 2.19
CA VAL A 179 57.77 9.63 0.83
C VAL A 179 57.73 11.10 0.54
N PHE A 180 58.79 11.56 -0.10
CA PHE A 180 58.91 12.95 -0.43
C PHE A 180 58.84 13.13 -1.93
N VAL A 181 58.30 14.27 -2.34
CA VAL A 181 58.16 14.56 -3.75
C VAL A 181 57.85 16.04 -3.95
N LYS A 182 58.32 16.58 -5.07
CA LYS A 182 58.08 17.99 -5.39
C LYS A 182 56.74 18.04 -6.13
N LEU A 183 56.03 19.17 -6.03
CA LEU A 183 54.75 19.30 -6.71
C LEU A 183 54.92 19.10 -8.21
N SER A 184 56.07 19.53 -8.69
CA SER A 184 56.43 19.39 -10.09
C SER A 184 56.55 17.92 -10.48
N ASP A 185 57.19 17.12 -9.62
CA ASP A 185 57.34 15.69 -9.89
C ASP A 185 55.94 15.12 -10.06
N PRO A 186 55.78 14.19 -11.01
CA PRO A 186 54.46 13.60 -11.22
C PRO A 186 53.92 12.98 -9.94
N PRO A 187 52.64 12.57 -9.93
CA PRO A 187 52.00 11.97 -8.76
C PRO A 187 52.83 10.96 -8.01
N ALA A 188 52.65 10.97 -6.70
CA ALA A 188 53.34 10.02 -5.85
C ALA A 188 52.47 8.77 -5.92
N GLN A 189 53.06 7.59 -5.80
CA GLN A 189 52.26 6.38 -5.87
C GLN A 189 52.86 5.21 -5.10
N VAL A 190 52.08 4.65 -4.18
CA VAL A 190 52.51 3.51 -3.38
C VAL A 190 51.38 2.50 -3.13
N SER A 191 51.78 1.26 -2.85
CA SER A 191 50.83 0.19 -2.58
C SER A 191 50.87 -0.09 -1.09
N VAL A 192 49.69 -0.36 -0.54
CA VAL A 192 49.54 -0.66 0.87
C VAL A 192 48.89 -2.02 0.99
N PRO A 193 49.46 -2.92 1.80
CA PRO A 193 48.95 -4.28 2.01
C PRO A 193 47.70 -4.47 2.85
N PHE A 194 47.26 -5.72 2.89
CA PHE A 194 46.12 -6.11 3.68
C PHE A 194 46.59 -6.05 5.14
N MET A 195 46.23 -4.98 5.82
CA MET A 195 46.66 -4.78 7.20
C MET A 195 46.04 -5.72 8.22
N SER A 196 44.75 -5.52 8.42
CA SER A 196 43.94 -6.30 9.35
C SER A 196 44.63 -7.53 9.91
N PRO A 197 44.56 -7.70 11.24
CA PRO A 197 45.17 -8.84 11.93
C PRO A 197 44.26 -10.06 11.72
N ALA A 198 43.03 -9.79 11.28
CA ALA A 198 42.00 -10.81 11.00
C ALA A 198 42.26 -11.38 9.61
N SER A 199 41.56 -12.45 9.24
CA SER A 199 41.78 -13.05 7.93
C SER A 199 41.12 -12.25 6.81
N ALA A 200 40.25 -11.31 7.18
CA ALA A 200 39.58 -10.48 6.19
C ALA A 200 38.89 -9.26 6.79
N TYR A 201 38.80 -8.20 6.00
CA TYR A 201 38.13 -6.99 6.43
C TYR A 201 36.68 -7.45 6.42
N GLN A 202 35.93 -7.10 7.45
CA GLN A 202 34.53 -7.47 7.49
C GLN A 202 33.69 -6.23 7.76
N TRP A 203 32.86 -5.90 6.77
CA TRP A 203 31.97 -4.74 6.79
C TRP A 203 30.86 -4.79 7.84
N PHE A 204 30.55 -5.99 8.33
CA PHE A 204 29.51 -6.13 9.32
C PHE A 204 29.99 -6.97 10.50
N TYR A 205 29.74 -6.48 11.71
CA TYR A 205 30.12 -7.18 12.93
C TYR A 205 28.91 -7.18 13.88
N ASP A 206 28.29 -8.34 14.10
CA ASP A 206 27.11 -8.43 14.97
C ASP A 206 27.45 -8.68 16.44
N GLY A 207 28.15 -7.73 17.05
CA GLY A 207 28.50 -7.88 18.44
C GLY A 207 29.29 -6.70 18.95
N TYR A 208 29.93 -6.89 20.09
CA TYR A 208 30.70 -5.84 20.72
C TYR A 208 32.11 -6.35 21.02
N PRO A 209 33.09 -5.44 21.13
CA PRO A 209 34.47 -5.83 21.42
C PRO A 209 34.75 -5.95 22.95
N THR A 210 35.06 -7.17 23.42
CA THR A 210 35.33 -7.48 24.84
C THR A 210 35.70 -6.30 25.76
N LYS A 218 22.00 -2.21 25.14
CA LYS A 218 22.21 -0.98 24.39
C LYS A 218 23.63 -0.50 24.65
N ASP A 219 24.44 -0.42 23.59
CA ASP A 219 25.82 0.04 23.71
C ASP A 219 26.22 0.82 22.46
N LEU A 220 27.31 1.58 22.58
CA LEU A 220 27.82 2.41 21.49
C LEU A 220 29.03 1.74 20.80
N GLU A 221 29.30 0.49 21.16
CA GLU A 221 30.42 -0.27 20.58
C GLU A 221 29.88 -1.37 19.66
N TYR A 222 28.60 -1.27 19.31
CA TYR A 222 27.92 -2.25 18.45
C TYR A 222 28.25 -2.13 16.95
N GLY A 223 28.76 -3.21 16.36
CA GLY A 223 29.08 -3.19 14.93
C GLY A 223 30.45 -2.60 14.65
N ALA A 224 31.28 -2.57 15.69
CA ALA A 224 32.63 -2.01 15.61
C ALA A 224 33.75 -3.05 15.48
N MET A 225 34.12 -3.34 14.24
CA MET A 225 35.21 -4.26 13.96
C MET A 225 36.38 -3.32 13.66
N PRO A 226 37.16 -2.99 14.69
CA PRO A 226 38.32 -2.10 14.63
C PRO A 226 39.47 -2.65 13.80
N ASN A 227 39.61 -3.96 13.84
CA ASN A 227 40.67 -4.64 13.12
C ASN A 227 40.47 -4.47 11.63
N ASN A 228 39.84 -3.37 11.24
CA ASN A 228 39.59 -3.05 9.84
C ASN A 228 40.30 -1.76 9.50
N MET A 229 41.12 -1.30 10.44
CA MET A 229 41.89 -0.08 10.23
C MET A 229 43.04 -0.34 9.28
N MET A 230 43.22 0.58 8.32
CA MET A 230 44.29 0.51 7.33
C MET A 230 45.44 1.42 7.72
N GLY A 231 45.14 2.45 8.50
CA GLY A 231 46.18 3.37 8.93
C GLY A 231 45.89 4.82 8.63
N THR A 232 46.86 5.68 8.95
CA THR A 232 46.66 7.09 8.71
C THR A 232 47.71 7.64 7.78
N PHE A 233 47.32 8.68 7.07
CA PHE A 233 48.17 9.36 6.12
C PHE A 233 48.35 10.77 6.60
N SER A 234 49.57 11.11 7.00
CA SER A 234 49.85 12.46 7.47
C SER A 234 50.57 13.25 6.38
N VAL A 235 50.02 14.40 6.03
CA VAL A 235 50.61 15.24 5.00
C VAL A 235 51.03 16.59 5.53
N ARG A 236 52.09 17.13 4.95
CA ARG A 236 52.61 18.42 5.39
C ARG A 236 53.67 18.97 4.44
N THR A 237 53.85 20.28 4.47
CA THR A 237 54.85 20.94 3.65
C THR A 237 56.17 20.63 4.34
N VAL A 238 57.21 20.40 3.55
CA VAL A 238 58.52 20.13 4.12
C VAL A 238 59.03 21.46 4.65
N GLY A 239 60.01 21.39 5.54
CA GLY A 239 60.58 22.62 6.07
C GLY A 239 60.12 23.01 7.46
N THR A 240 60.91 23.85 8.09
CA THR A 240 60.64 24.33 9.43
C THR A 240 59.49 25.33 9.45
N SER A 241 59.37 26.11 8.38
CA SER A 241 58.34 27.15 8.25
C SER A 241 57.15 26.81 7.35
N LYS A 242 56.05 27.53 7.58
CA LYS A 242 54.83 27.35 6.80
C LYS A 242 55.20 27.49 5.33
N SER A 243 54.41 26.88 4.46
CA SER A 243 54.64 26.96 3.02
C SER A 243 54.24 28.35 2.54
N LYS A 244 54.79 28.76 1.41
CA LYS A 244 54.46 30.07 0.85
C LYS A 244 53.17 30.01 0.03
N TYR A 245 52.72 28.81 -0.31
CA TYR A 245 51.54 28.66 -1.14
C TYR A 245 50.42 27.85 -0.51
N PRO A 246 49.18 28.14 -0.91
CA PRO A 246 47.96 27.46 -0.42
C PRO A 246 47.94 26.15 -1.18
N LEU A 247 47.80 25.05 -0.46
CA LEU A 247 47.83 23.78 -1.16
C LEU A 247 46.66 22.84 -0.95
N VAL A 248 46.44 22.01 -1.98
CA VAL A 248 45.36 21.03 -2.01
C VAL A 248 45.82 19.66 -2.52
N VAL A 249 45.77 18.67 -1.64
CA VAL A 249 46.14 17.32 -1.99
C VAL A 249 44.92 16.44 -2.20
N ARG A 250 44.96 15.61 -3.24
CA ARG A 250 43.86 14.70 -3.52
C ARG A 250 44.40 13.29 -3.50
N ILE A 251 43.68 12.40 -2.83
CA ILE A 251 44.12 11.02 -2.71
C ILE A 251 43.21 10.05 -3.43
N TYR A 252 43.79 9.33 -4.38
CA TYR A 252 43.04 8.36 -5.14
C TYR A 252 43.45 7.00 -4.65
N MET A 253 42.57 6.03 -4.82
CA MET A 253 42.85 4.70 -4.36
C MET A 253 42.31 3.60 -5.25
N ARG A 254 43.20 2.80 -5.83
CA ARG A 254 42.74 1.72 -6.67
C ARG A 254 42.81 0.48 -5.80
N MET A 255 41.74 -0.30 -5.79
CA MET A 255 41.74 -1.54 -5.00
C MET A 255 42.20 -2.67 -5.90
N LYS A 256 43.15 -3.49 -5.43
CA LYS A 256 43.62 -4.60 -6.24
C LYS A 256 43.69 -5.95 -5.51
N HIS A 257 43.65 -7.05 -6.27
CA HIS A 257 43.71 -8.40 -5.69
C HIS A 257 42.55 -8.59 -4.73
N VAL A 258 41.32 -8.45 -5.21
CA VAL A 258 40.16 -8.56 -4.35
C VAL A 258 39.51 -9.94 -4.24
N ARG A 259 39.10 -10.31 -3.03
CA ARG A 259 38.43 -11.57 -2.75
C ARG A 259 37.27 -11.25 -1.81
N ALA A 260 36.08 -11.78 -2.10
CA ALA A 260 34.92 -11.50 -1.27
C ALA A 260 34.10 -12.73 -0.93
N TRP A 261 33.45 -12.68 0.23
CA TRP A 261 32.65 -13.79 0.73
C TRP A 261 31.29 -13.35 1.22
N ILE A 262 30.39 -14.33 1.33
CA ILE A 262 29.05 -14.10 1.84
C ILE A 262 28.35 -12.85 1.29
N PRO A 263 27.72 -12.95 0.11
CA PRO A 263 27.05 -11.80 -0.49
C PRO A 263 25.77 -11.49 0.30
N ARG A 264 25.31 -10.24 0.24
CA ARG A 264 24.12 -9.82 0.99
C ARG A 264 23.29 -8.70 0.33
N PRO A 265 21.98 -8.61 0.65
CA PRO A 265 21.06 -7.61 0.12
C PRO A 265 21.64 -6.21 -0.10
N MET A 266 21.42 -5.70 -1.30
CA MET A 266 21.87 -4.38 -1.71
C MET A 266 21.15 -3.29 -0.94
N ARG A 267 21.90 -2.47 -0.21
CA ARG A 267 21.31 -1.37 0.53
C ARG A 267 20.23 -0.69 -0.31
N ASN A 268 19.01 -0.61 0.18
CA ASN A 268 17.95 0.04 -0.58
C ASN A 268 17.49 1.32 0.09
N GLN A 269 18.01 1.59 1.29
CA GLN A 269 17.66 2.79 2.04
C GLN A 269 18.85 3.72 2.15
N ASN A 270 18.60 5.01 2.36
CA ASN A 270 19.68 5.97 2.46
C ASN A 270 20.50 5.81 3.71
N TYR A 271 21.80 6.05 3.57
CA TYR A 271 22.73 5.93 4.67
C TYR A 271 22.64 7.18 5.52
N LEU A 272 22.78 7.00 6.84
CA LEU A 272 22.69 8.13 7.75
C LEU A 272 24.02 8.36 8.46
N PHE A 273 24.71 7.27 8.80
CA PHE A 273 25.98 7.39 9.50
C PHE A 273 27.02 6.52 8.90
N LYS A 274 28.28 6.93 9.08
CA LYS A 274 29.41 6.19 8.53
C LYS A 274 29.65 4.90 9.29
N ALA A 275 29.18 4.82 10.54
CA ALA A 275 29.39 3.64 11.37
C ALA A 275 28.38 2.50 11.23
N ASN A 276 27.13 2.78 11.57
CA ASN A 276 26.08 1.79 11.52
C ASN A 276 25.18 1.85 10.29
N PRO A 277 24.29 0.86 10.13
CA PRO A 277 23.33 0.73 9.02
C PRO A 277 21.99 1.43 9.29
N ASN A 278 21.89 2.12 10.43
CA ASN A 278 20.69 2.83 10.79
C ASN A 278 20.15 3.60 9.60
N TYR A 279 18.82 3.68 9.52
CA TYR A 279 18.13 4.37 8.42
C TYR A 279 17.06 5.28 8.99
N ALA A 280 16.32 5.99 8.13
CA ALA A 280 15.24 6.87 8.59
C ALA A 280 13.93 6.09 8.66
N GLY A 281 13.44 5.86 9.88
CA GLY A 281 12.22 5.08 10.06
C GLY A 281 10.91 5.74 9.67
N ASN A 282 11.01 6.93 9.09
CA ASN A 282 9.82 7.65 8.66
C ASN A 282 9.87 7.62 7.17
N SER A 283 11.05 7.94 6.66
CA SER A 283 11.30 8.01 5.24
C SER A 283 11.68 6.65 4.63
N ILE A 284 10.93 5.60 4.98
CA ILE A 284 11.22 4.28 4.43
C ILE A 284 10.58 4.14 3.05
N LYS A 285 11.43 4.30 2.03
CA LYS A 285 11.03 4.26 0.62
C LYS A 285 11.10 2.88 -0.04
N PRO A 286 10.23 2.64 -1.02
CA PRO A 286 10.19 1.36 -1.73
C PRO A 286 11.43 1.26 -2.62
N THR A 287 12.10 0.11 -2.56
CA THR A 287 13.30 -0.12 -3.34
C THR A 287 13.30 0.58 -4.69
N GLY A 288 12.21 0.46 -5.46
CA GLY A 288 12.17 1.10 -6.77
C GLY A 288 10.88 1.75 -7.23
N ALA A 289 10.97 2.50 -8.34
CA ALA A 289 9.86 3.22 -8.95
C ALA A 289 8.54 2.47 -8.83
N SER A 290 7.48 3.18 -8.42
CA SER A 290 6.16 2.60 -8.27
C SER A 290 5.31 2.92 -9.50
N ARG A 291 4.11 2.35 -9.58
CA ARG A 291 3.19 2.62 -10.70
C ARG A 291 1.76 2.65 -10.20
N THR A 292 0.80 2.91 -11.10
CA THR A 292 -0.60 3.01 -10.71
C THR A 292 -1.26 1.68 -10.39
N ALA A 293 -1.46 0.86 -11.40
CA ALA A 293 -2.07 -0.42 -11.17
C ALA A 293 -1.12 -1.49 -11.64
N ILE A 294 -1.39 -2.73 -11.24
CA ILE A 294 -0.55 -3.84 -11.63
C ILE A 294 -1.01 -4.38 -12.99
N THR A 295 -1.85 -3.61 -13.67
CA THR A 295 -2.38 -3.98 -14.97
C THR A 295 -2.08 -2.93 -16.01
N THR A 296 -1.40 -1.87 -15.59
CA THR A 296 -1.06 -0.79 -16.49
C THR A 296 0.45 -0.66 -16.55
N LEU A 297 0.98 -0.37 -17.74
CA LEU A 297 2.41 -0.24 -17.94
C LEU A 297 2.79 1.15 -18.39
N VAL B 4 7.42 -40.84 7.02
CA VAL B 4 7.55 -40.31 8.41
C VAL B 4 8.32 -41.27 9.33
N ALA B 5 9.12 -40.69 10.23
CA ALA B 5 9.92 -41.46 11.19
C ALA B 5 10.54 -40.50 12.21
N GLN B 6 11.00 -41.02 13.35
CA GLN B 6 11.60 -40.17 14.39
C GLN B 6 13.08 -40.44 14.69
N LEU B 7 13.89 -39.39 14.61
CA LEU B 7 15.32 -39.44 14.88
C LEU B 7 15.66 -38.98 16.30
N THR B 8 16.70 -39.57 16.89
CA THR B 8 17.13 -39.27 18.26
C THR B 8 18.65 -38.95 18.42
N ILE B 9 18.96 -38.00 19.31
CA ILE B 9 20.34 -37.59 19.62
C ILE B 9 20.52 -37.49 21.14
N GLY B 10 20.61 -38.64 21.80
CA GLY B 10 20.76 -38.66 23.24
C GLY B 10 19.44 -38.91 23.96
N ASN B 11 18.94 -37.86 24.62
CA ASN B 11 17.67 -37.93 25.35
C ASN B 11 16.57 -37.14 24.62
N SER B 12 16.94 -36.57 23.47
CA SER B 12 16.03 -35.78 22.64
C SER B 12 15.50 -36.61 21.45
N THR B 13 14.17 -36.72 21.34
CA THR B 13 13.53 -37.47 20.25
C THR B 13 12.42 -36.68 19.53
N ILE B 14 12.71 -36.20 18.32
CA ILE B 14 11.74 -35.42 17.54
C ILE B 14 11.06 -36.25 16.44
N THR B 15 9.76 -36.04 16.30
CA THR B 15 8.95 -36.70 15.27
C THR B 15 8.97 -35.77 14.04
N THR B 16 9.68 -36.18 12.98
CA THR B 16 9.78 -35.36 11.76
C THR B 16 9.56 -36.18 10.46
N GLN B 17 9.29 -35.49 9.35
CA GLN B 17 9.04 -36.13 8.05
C GLN B 17 10.34 -36.75 7.48
N GLU B 18 10.20 -37.87 6.78
CA GLU B 18 11.31 -38.62 6.19
C GLU B 18 12.63 -37.90 5.80
N ALA B 19 12.59 -36.96 4.87
CA ALA B 19 13.81 -36.24 4.46
C ALA B 19 13.62 -35.18 3.38
N ALA B 20 12.82 -34.15 3.67
CA ALA B 20 12.57 -33.07 2.71
C ALA B 20 13.90 -32.53 2.21
N ASN B 21 13.85 -31.58 1.30
CA ASN B 21 15.09 -31.02 0.78
C ASN B 21 15.75 -30.15 1.84
N ILE B 22 17.00 -30.48 2.16
CA ILE B 22 17.77 -29.71 3.14
C ILE B 22 18.64 -28.71 2.40
N ILE B 23 18.94 -27.61 3.07
CA ILE B 23 19.77 -26.58 2.47
C ILE B 23 21.08 -26.45 3.23
N VAL B 24 22.14 -26.98 2.63
CA VAL B 24 23.46 -26.91 3.21
C VAL B 24 24.05 -25.57 2.77
N GLY B 25 23.93 -24.58 3.65
CA GLY B 25 24.40 -23.24 3.38
C GLY B 25 25.81 -23.10 2.81
N TYR B 26 25.88 -22.52 1.61
CA TYR B 26 27.14 -22.28 0.91
C TYR B 26 27.90 -23.53 0.49
N GLY B 27 27.16 -24.64 0.42
CA GLY B 27 27.72 -25.92 0.01
C GLY B 27 28.75 -26.55 0.93
N GLU B 28 28.88 -26.03 2.15
CA GLU B 28 29.85 -26.57 3.11
C GLU B 28 29.23 -27.20 4.36
N TRP B 29 29.86 -28.29 4.80
CA TRP B 29 29.42 -29.04 5.97
C TRP B 29 30.17 -28.70 7.25
N PRO B 30 29.44 -28.32 8.31
CA PRO B 30 30.02 -27.97 9.61
C PRO B 30 31.04 -28.99 10.09
N SER B 31 32.31 -28.71 9.80
CA SER B 31 33.40 -29.58 10.20
C SER B 31 34.20 -28.99 11.35
N TYR B 32 35.16 -29.77 11.84
CA TYR B 32 36.00 -29.36 12.95
C TYR B 32 37.21 -28.52 12.47
N CYS B 33 38.19 -28.27 13.36
CA CYS B 33 39.39 -27.50 12.99
C CYS B 33 40.67 -28.26 13.40
N SER B 34 41.51 -28.57 12.40
CA SER B 34 42.76 -29.33 12.59
C SER B 34 43.72 -28.80 13.67
N ASP B 35 44.77 -29.60 13.95
CA ASP B 35 45.79 -29.30 14.98
C ASP B 35 46.75 -28.12 14.72
N SER B 36 47.09 -27.88 13.45
CA SER B 36 47.98 -26.77 13.11
C SER B 36 47.15 -25.49 12.92
N ASP B 37 46.75 -24.89 14.04
CA ASP B 37 45.94 -23.68 14.05
C ASP B 37 46.60 -22.58 14.88
N ALA B 38 45.79 -21.75 15.53
CA ALA B 38 46.32 -20.67 16.37
C ALA B 38 46.63 -21.20 17.78
N THR B 39 45.72 -21.98 18.35
CA THR B 39 45.91 -22.54 19.69
C THR B 39 46.00 -24.08 19.64
N ALA B 40 47.19 -24.59 19.28
CA ALA B 40 47.44 -26.03 19.18
C ALA B 40 47.85 -26.58 20.54
N VAL B 41 48.13 -25.67 21.47
CA VAL B 41 48.54 -26.04 22.83
C VAL B 41 47.30 -26.38 23.66
N ASP B 42 46.44 -25.37 23.85
CA ASP B 42 45.20 -25.52 24.60
C ASP B 42 44.26 -26.33 23.71
N LYS B 43 44.55 -27.63 23.60
CA LYS B 43 43.76 -28.55 22.79
C LYS B 43 42.26 -28.36 23.07
N PRO B 44 41.53 -27.69 22.15
CA PRO B 44 40.10 -27.43 22.30
C PRO B 44 39.17 -28.65 22.37
N THR B 45 38.57 -28.87 23.55
CA THR B 45 37.64 -30.00 23.78
C THR B 45 36.31 -29.87 22.99
N ARG B 46 35.99 -30.92 22.22
CA ARG B 46 34.79 -30.99 21.38
C ARG B 46 33.66 -31.84 21.99
N PRO B 47 32.58 -31.18 22.48
CA PRO B 47 31.42 -31.84 23.09
C PRO B 47 30.64 -32.76 22.14
N ASP B 48 30.31 -33.96 22.63
CA ASP B 48 29.57 -34.93 21.84
C ASP B 48 28.35 -35.39 22.62
N VAL B 49 28.60 -35.77 23.87
CA VAL B 49 27.57 -36.25 24.76
C VAL B 49 26.26 -35.45 24.70
N SER B 50 25.90 -34.80 25.80
CA SER B 50 24.68 -34.04 25.87
C SER B 50 24.74 -32.73 25.11
N VAL B 51 25.87 -32.04 25.21
CA VAL B 51 26.03 -30.75 24.55
C VAL B 51 25.45 -30.69 23.13
N ASN B 52 25.65 -31.74 22.35
CA ASN B 52 25.14 -31.78 20.97
C ASN B 52 23.87 -32.62 20.79
N ARG B 53 22.71 -31.96 20.86
CA ARG B 53 21.42 -32.63 20.70
C ARG B 53 20.30 -31.69 20.23
N PHE B 54 19.05 -32.14 20.35
CA PHE B 54 17.88 -31.39 19.91
C PHE B 54 17.25 -30.42 20.89
N TYR B 55 17.39 -29.13 20.65
CA TYR B 55 16.78 -28.14 21.51
C TYR B 55 15.53 -27.66 20.78
N THR B 56 14.43 -27.58 21.50
CA THR B 56 13.17 -27.16 20.90
C THR B 56 12.62 -25.88 21.53
N LEU B 57 12.98 -24.76 20.94
CA LEU B 57 12.60 -23.44 21.42
C LEU B 57 11.12 -23.12 21.52
N ASP B 58 10.81 -22.26 22.48
CA ASP B 58 9.45 -21.82 22.73
C ASP B 58 8.77 -21.39 21.46
N THR B 59 7.87 -22.25 20.99
CA THR B 59 7.11 -22.04 19.78
C THR B 59 6.47 -20.65 19.66
N LYS B 60 6.69 -19.99 18.51
CA LYS B 60 6.11 -18.66 18.24
C LYS B 60 4.84 -18.87 17.46
N LEU B 61 3.84 -18.03 17.72
CA LEU B 61 2.55 -18.15 17.08
C LEU B 61 2.30 -17.22 15.89
N TRP B 62 2.20 -17.80 14.71
CA TRP B 62 1.96 -17.04 13.49
C TRP B 62 0.56 -16.43 13.54
N GLU B 63 0.46 -15.16 13.13
CA GLU B 63 -0.79 -14.43 13.07
C GLU B 63 -0.92 -13.68 11.75
N LYS B 64 -2.11 -13.20 11.45
CA LYS B 64 -2.30 -12.45 10.22
C LYS B 64 -1.38 -11.22 10.22
N SER B 65 -1.35 -10.53 11.36
CA SER B 65 -0.56 -9.32 11.54
C SER B 65 0.94 -9.50 11.81
N SER B 66 1.37 -10.75 12.00
CA SER B 66 2.78 -11.03 12.28
C SER B 66 3.69 -10.37 11.27
N LYS B 67 4.77 -9.75 11.77
CA LYS B 67 5.70 -9.07 10.89
C LYS B 67 6.89 -9.93 10.54
N GLY B 68 7.27 -10.81 11.47
CA GLY B 68 8.41 -11.67 11.24
C GLY B 68 9.23 -11.77 12.50
N TRP B 69 10.09 -12.79 12.54
CA TRP B 69 10.93 -13.05 13.68
C TRP B 69 12.38 -13.33 13.30
N TYR B 70 13.27 -13.22 14.29
CA TYR B 70 14.68 -13.47 14.10
C TYR B 70 15.38 -13.78 15.41
N TRP B 71 16.34 -14.70 15.37
CA TRP B 71 17.10 -15.06 16.57
C TRP B 71 18.56 -14.84 16.24
N LYS B 72 19.40 -14.74 17.25
CA LYS B 72 20.81 -14.56 16.99
C LYS B 72 21.56 -15.79 17.45
N PHE B 73 22.70 -16.03 16.82
CA PHE B 73 23.55 -17.17 17.16
C PHE B 73 24.97 -16.71 17.44
N PRO B 74 25.62 -17.32 18.44
CA PRO B 74 25.06 -18.40 19.26
C PRO B 74 24.18 -17.95 20.43
N ASP B 75 23.98 -16.64 20.57
CA ASP B 75 23.18 -16.05 21.65
C ASP B 75 21.98 -16.89 22.14
N VAL B 76 21.12 -17.29 21.20
CA VAL B 76 19.92 -18.08 21.51
C VAL B 76 20.16 -19.22 22.51
N LEU B 77 21.29 -19.90 22.38
CA LEU B 77 21.64 -21.02 23.25
C LEU B 77 22.54 -20.75 24.45
N THR B 78 23.28 -19.64 24.43
CA THR B 78 24.16 -19.33 25.55
C THR B 78 23.39 -19.18 26.85
N GLU B 79 22.06 -19.25 26.75
CA GLU B 79 21.21 -19.14 27.92
C GLU B 79 20.70 -20.53 28.23
N THR B 80 20.43 -21.25 27.15
CA THR B 80 19.89 -22.59 27.20
C THR B 80 20.83 -23.72 27.59
N GLY B 81 20.33 -24.57 28.48
CA GLY B 81 21.03 -25.76 28.94
C GLY B 81 22.54 -25.86 29.02
N VAL B 82 23.01 -27.11 28.95
CA VAL B 82 24.42 -27.48 29.04
C VAL B 82 25.27 -26.95 27.88
N PHE B 83 24.63 -26.38 26.87
CA PHE B 83 25.40 -25.81 25.78
C PHE B 83 25.66 -24.38 26.21
N GLY B 84 24.65 -23.75 26.81
CA GLY B 84 24.79 -22.39 27.29
C GLY B 84 25.82 -22.42 28.42
N GLN B 85 26.05 -23.63 28.92
CA GLN B 85 27.00 -23.87 29.98
C GLN B 85 28.40 -23.63 29.41
N ASN B 86 28.73 -24.33 28.33
CA ASN B 86 30.04 -24.23 27.67
C ASN B 86 30.30 -22.85 27.08
N ALA B 87 29.35 -22.35 26.30
CA ALA B 87 29.49 -21.05 25.66
C ALA B 87 29.93 -19.95 26.63
N GLN B 88 29.37 -19.97 27.84
CA GLN B 88 29.68 -18.96 28.86
C GLN B 88 31.01 -19.10 29.59
N PHE B 89 31.23 -20.24 30.24
CA PHE B 89 32.46 -20.48 31.00
C PHE B 89 33.63 -20.99 30.15
N HIS B 90 33.67 -20.55 28.89
CA HIS B 90 34.74 -20.91 27.94
C HIS B 90 35.16 -19.66 27.15
N TYR B 91 36.45 -19.58 26.84
CA TYR B 91 37.02 -18.43 26.14
C TYR B 91 36.73 -18.33 24.62
N LEU B 92 36.83 -19.44 23.89
CA LEU B 92 36.59 -19.44 22.45
C LEU B 92 35.52 -20.44 22.00
N TYR B 93 34.92 -20.19 20.84
CA TYR B 93 33.87 -21.07 20.30
C TYR B 93 33.72 -21.06 18.77
N ARG B 94 33.48 -22.25 18.22
CA ARG B 94 33.25 -22.46 16.79
C ARG B 94 32.24 -23.61 16.76
N SER B 95 31.18 -23.46 15.98
CA SER B 95 30.15 -24.49 15.95
C SER B 95 29.26 -24.38 14.72
N GLY B 96 28.88 -25.52 14.17
CA GLY B 96 28.00 -25.57 13.01
C GLY B 96 26.58 -25.81 13.50
N PHE B 97 25.58 -25.58 12.65
CA PHE B 97 24.20 -25.77 13.08
C PHE B 97 23.21 -26.41 12.14
N CYS B 98 22.35 -27.23 12.72
CA CYS B 98 21.30 -27.86 11.97
C CYS B 98 20.08 -27.18 12.54
N ILE B 99 19.37 -26.45 11.68
CA ILE B 99 18.17 -25.76 12.12
C ILE B 99 16.96 -26.38 11.43
N HIS B 100 15.90 -26.59 12.21
CA HIS B 100 14.67 -27.17 11.69
C HIS B 100 13.48 -26.34 12.15
N VAL B 101 12.68 -25.90 11.17
CA VAL B 101 11.51 -25.07 11.42
C VAL B 101 10.25 -25.74 10.89
N GLN B 102 9.22 -25.91 11.73
CA GLN B 102 7.97 -26.54 11.29
C GLN B 102 6.71 -25.85 11.81
N CYS B 103 5.68 -25.89 10.96
CA CYS B 103 4.38 -25.33 11.30
C CYS B 103 3.40 -26.48 11.33
N ASN B 104 2.29 -26.25 12.00
CA ASN B 104 1.25 -27.26 12.08
C ASN B 104 -0.03 -26.52 11.71
N ALA B 105 -0.50 -26.73 10.48
CA ALA B 105 -1.71 -26.07 10.00
C ALA B 105 -2.56 -26.96 9.12
N SER B 106 -3.88 -26.75 9.17
CA SER B 106 -4.82 -27.52 8.38
C SER B 106 -4.68 -27.12 6.93
N LYS B 107 -5.14 -27.99 6.04
CA LYS B 107 -5.05 -27.71 4.63
C LYS B 107 -5.95 -26.51 4.30
N PHE B 108 -6.49 -25.86 5.33
CA PHE B 108 -7.36 -24.69 5.13
C PHE B 108 -6.75 -23.37 5.53
N HIS B 109 -5.44 -23.36 5.76
CA HIS B 109 -4.71 -22.14 6.11
C HIS B 109 -3.82 -21.87 4.91
N GLN B 110 -3.40 -20.62 4.76
CA GLN B 110 -2.52 -20.27 3.65
C GLN B 110 -1.46 -19.31 4.12
N GLY B 111 -0.27 -19.46 3.57
CA GLY B 111 0.84 -18.60 3.95
C GLY B 111 2.12 -19.06 3.32
N ALA B 112 3.17 -18.24 3.46
CA ALA B 112 4.48 -18.56 2.90
C ALA B 112 5.53 -17.85 3.73
N LEU B 113 6.40 -18.63 4.38
CA LEU B 113 7.44 -18.04 5.22
C LEU B 113 8.78 -18.26 4.59
N LEU B 114 9.53 -17.18 4.43
CA LEU B 114 10.85 -17.35 3.90
C LEU B 114 11.66 -17.57 5.16
N VAL B 115 12.57 -18.53 5.11
CA VAL B 115 13.43 -18.84 6.26
C VAL B 115 14.87 -18.87 5.78
N ALA B 116 15.63 -17.84 6.13
CA ALA B 116 17.02 -17.76 5.72
C ALA B 116 17.95 -17.40 6.88
N VAL B 117 19.24 -17.65 6.67
CA VAL B 117 20.26 -17.37 7.68
C VAL B 117 21.20 -16.29 7.14
N LEU B 118 21.46 -15.29 7.98
CA LEU B 118 22.29 -14.16 7.57
C LEU B 118 23.46 -13.83 8.48
N PRO B 119 24.69 -14.10 8.02
CA PRO B 119 25.92 -13.85 8.77
C PRO B 119 26.05 -12.40 9.19
N GLU B 120 26.59 -12.19 10.38
CA GLU B 120 26.78 -10.84 10.86
C GLU B 120 25.51 -10.02 10.63
N TYR B 121 24.40 -10.45 11.20
CA TYR B 121 23.16 -9.70 11.03
C TYR B 121 23.22 -8.51 11.98
N VAL B 122 23.55 -7.34 11.46
CA VAL B 122 23.65 -6.13 12.29
C VAL B 122 22.37 -5.26 12.25
N ILE B 123 21.67 -5.23 13.38
CA ILE B 123 20.43 -4.46 13.49
C ILE B 123 20.65 -2.95 13.45
N GLY B 124 19.76 -2.28 12.77
CA GLY B 124 19.81 -0.84 12.70
C GLY B 124 18.42 -0.41 13.11
N THR B 125 18.33 0.47 14.10
CA THR B 125 17.02 0.95 14.55
C THR B 125 16.53 2.03 13.57
N VAL B 126 15.51 2.81 13.98
CA VAL B 126 14.90 3.88 13.18
C VAL B 126 15.75 5.17 13.14
N ALA B 127 16.56 5.38 14.18
CA ALA B 127 17.44 6.55 14.33
C ALA B 127 16.70 7.85 14.69
N GLY B 128 15.69 7.76 15.56
CA GLY B 128 14.93 8.93 15.95
C GLY B 128 13.65 9.18 15.15
N GLY B 129 13.69 8.85 13.85
CA GLY B 129 12.55 9.03 12.95
C GLY B 129 12.86 9.92 11.75
N THR B 130 13.30 11.15 12.05
CA THR B 130 13.68 12.17 11.06
C THR B 130 15.11 11.95 10.52
N GLY B 131 15.85 11.04 11.14
CA GLY B 131 17.20 10.70 10.72
C GLY B 131 18.38 11.37 11.41
N THR B 132 18.11 12.22 12.40
CA THR B 132 19.17 12.95 13.13
C THR B 132 19.64 12.45 14.54
N GLU B 133 19.03 11.36 15.03
CA GLU B 133 19.39 10.74 16.33
C GLU B 133 20.26 9.48 16.09
N ASP B 134 21.47 9.43 16.67
CA ASP B 134 22.40 8.29 16.49
C ASP B 134 22.15 7.18 17.56
N THR B 135 20.88 6.78 17.70
CA THR B 135 20.47 5.76 18.66
C THR B 135 20.92 4.35 18.21
N HIS B 136 21.65 3.67 19.10
CA HIS B 136 22.15 2.33 18.82
C HIS B 136 21.21 1.27 19.40
N PRO B 137 20.84 0.26 18.59
CA PRO B 137 19.94 -0.80 19.03
C PRO B 137 20.29 -1.33 20.44
N PRO B 138 19.28 -1.53 21.32
CA PRO B 138 19.51 -2.02 22.68
C PRO B 138 20.21 -3.39 22.74
N TYR B 139 20.19 -4.02 23.91
CA TYR B 139 20.81 -5.35 24.05
C TYR B 139 19.70 -6.39 23.87
N LYS B 140 18.46 -5.98 24.12
CA LYS B 140 17.30 -6.85 23.98
C LYS B 140 16.96 -7.02 22.48
N GLN B 141 17.49 -6.11 21.66
CA GLN B 141 17.24 -6.10 20.22
C GLN B 141 18.41 -6.74 19.46
N THR B 142 19.61 -6.63 20.03
CA THR B 142 20.83 -7.17 19.45
C THR B 142 21.03 -8.65 19.79
N GLN B 143 20.51 -9.08 20.93
CA GLN B 143 20.63 -10.48 21.36
C GLN B 143 19.39 -10.94 22.15
N PRO B 144 18.24 -11.05 21.46
CA PRO B 144 16.93 -11.46 21.99
C PRO B 144 16.84 -12.78 22.78
N GLY B 145 17.85 -13.63 22.64
CA GLY B 145 17.84 -14.89 23.38
C GLY B 145 17.16 -16.03 22.65
N ALA B 146 16.35 -16.80 23.39
CA ALA B 146 15.63 -17.94 22.82
C ALA B 146 14.15 -17.64 22.55
N ASP B 147 13.74 -16.41 22.86
CA ASP B 147 12.37 -16.00 22.61
C ASP B 147 12.39 -15.33 21.26
N GLY B 148 13.56 -14.83 20.88
CA GLY B 148 13.70 -14.18 19.60
C GLY B 148 13.24 -12.73 19.69
N PHE B 149 12.94 -12.14 18.54
CA PHE B 149 12.49 -10.75 18.48
C PHE B 149 11.74 -10.49 17.17
N GLU B 150 10.77 -9.57 17.20
CA GLU B 150 9.99 -9.26 16.00
C GLU B 150 10.47 -8.08 15.19
N LEU B 151 10.50 -8.26 13.88
CA LEU B 151 10.92 -7.19 13.00
C LEU B 151 9.88 -6.08 13.10
N GLN B 152 10.29 -4.86 12.82
CA GLN B 152 9.37 -3.75 12.89
C GLN B 152 9.28 -3.09 11.53
N HIS B 153 10.20 -3.47 10.66
CA HIS B 153 10.27 -2.95 9.31
C HIS B 153 10.78 -4.07 8.42
N PRO B 154 10.03 -5.17 8.37
CA PRO B 154 10.40 -6.33 7.57
C PRO B 154 10.92 -5.99 6.18
N TYR B 155 10.22 -5.12 5.47
CA TYR B 155 10.63 -4.77 4.11
C TYR B 155 12.11 -4.44 3.94
N VAL B 156 12.71 -3.84 4.96
CA VAL B 156 14.13 -3.49 4.90
C VAL B 156 14.88 -4.28 5.93
N LEU B 157 14.23 -5.31 6.46
CA LEU B 157 14.83 -6.18 7.48
C LEU B 157 15.48 -5.39 8.61
N ASP B 158 14.75 -4.42 9.16
CA ASP B 158 15.29 -3.62 10.25
C ASP B 158 16.80 -3.43 10.11
N ALA B 159 17.25 -2.94 8.95
CA ALA B 159 18.67 -2.73 8.72
C ALA B 159 18.99 -2.05 7.38
N GLY B 160 17.95 -1.57 6.70
CA GLY B 160 18.12 -0.87 5.43
C GLY B 160 18.51 -1.70 4.23
N ILE B 161 18.02 -2.92 4.17
CA ILE B 161 18.32 -3.82 3.05
C ILE B 161 17.02 -4.44 2.60
N PRO B 162 16.83 -4.54 1.29
CA PRO B 162 15.59 -5.13 0.79
C PRO B 162 15.52 -6.57 1.22
N ILE B 163 14.34 -7.01 1.61
CA ILE B 163 14.19 -8.39 1.99
C ILE B 163 14.02 -9.12 0.66
N SER B 164 13.45 -8.40 -0.32
CA SER B 164 13.22 -8.93 -1.67
C SER B 164 14.46 -9.60 -2.24
N GLN B 165 15.58 -9.38 -1.56
CA GLN B 165 16.85 -9.93 -1.99
C GLN B 165 17.49 -10.83 -0.95
N LEU B 166 16.74 -11.20 0.08
CA LEU B 166 17.28 -12.06 1.12
C LEU B 166 17.60 -13.49 0.62
N THR B 167 16.96 -13.89 -0.47
CA THR B 167 17.15 -15.21 -1.08
C THR B 167 18.60 -15.47 -1.46
N VAL B 168 19.38 -14.41 -1.48
CA VAL B 168 20.78 -14.52 -1.82
C VAL B 168 21.52 -15.21 -0.67
N CYS B 169 20.81 -15.47 0.42
CA CYS B 169 21.40 -16.15 1.57
C CYS B 169 20.81 -17.53 1.67
N PRO B 170 21.46 -18.41 2.42
CA PRO B 170 20.97 -19.77 2.57
C PRO B 170 19.54 -19.67 3.03
N HIS B 171 18.63 -19.96 2.13
CA HIS B 171 17.23 -19.87 2.47
C HIS B 171 16.46 -21.10 2.03
N GLN B 172 15.22 -21.15 2.51
CA GLN B 172 14.32 -22.22 2.17
C GLN B 172 12.93 -21.64 2.40
N TRP B 173 11.99 -22.09 1.58
CA TRP B 173 10.61 -21.62 1.67
C TRP B 173 9.69 -22.60 2.36
N ILE B 174 8.64 -22.05 2.97
CA ILE B 174 7.65 -22.88 3.63
C ILE B 174 6.29 -22.39 3.19
N ASN B 175 5.79 -22.99 2.13
CA ASN B 175 4.48 -22.63 1.59
C ASN B 175 3.49 -23.62 2.17
N LEU B 176 2.58 -23.13 3.01
CA LEU B 176 1.62 -24.02 3.64
C LEU B 176 0.95 -25.04 2.74
N ARG B 177 0.64 -24.69 1.49
CA ARG B 177 -0.02 -25.63 0.61
C ARG B 177 0.91 -26.63 -0.07
N THR B 178 2.11 -26.78 0.44
CA THR B 178 3.05 -27.74 -0.15
C THR B 178 3.94 -28.42 0.90
N ASN B 179 4.52 -27.64 1.80
CA ASN B 179 5.37 -28.19 2.85
C ASN B 179 5.06 -27.48 4.16
N ASN B 180 5.67 -27.94 5.25
CA ASN B 180 5.45 -27.31 6.53
C ASN B 180 6.77 -27.23 7.28
N CYS B 181 7.70 -28.11 6.92
CA CYS B 181 9.01 -28.14 7.58
C CYS B 181 10.12 -27.74 6.64
N ALA B 182 11.03 -26.91 7.14
CA ALA B 182 12.18 -26.45 6.37
C ALA B 182 13.44 -26.77 7.18
N THR B 183 14.50 -27.24 6.52
CA THR B 183 15.74 -27.56 7.24
C THR B 183 16.97 -26.90 6.65
N ILE B 184 17.87 -26.44 7.53
CA ILE B 184 19.10 -25.77 7.08
C ILE B 184 20.36 -26.11 7.88
N ILE B 185 21.39 -26.49 7.15
CA ILE B 185 22.69 -26.83 7.71
C ILE B 185 23.56 -25.60 7.55
N VAL B 186 24.14 -25.13 8.65
CA VAL B 186 24.99 -23.94 8.64
C VAL B 186 26.41 -24.21 9.12
N PRO B 187 27.41 -23.86 8.32
CA PRO B 187 28.80 -24.08 8.74
C PRO B 187 29.27 -22.89 9.58
N TYR B 188 30.41 -23.03 10.26
CA TYR B 188 30.92 -21.91 11.04
C TYR B 188 31.43 -20.87 10.05
N ILE B 189 30.90 -19.64 10.15
CA ILE B 189 31.31 -18.56 9.26
C ILE B 189 31.77 -17.34 10.03
N ASN B 190 33.05 -17.04 9.90
CA ASN B 190 33.64 -15.90 10.59
C ASN B 190 35.04 -15.66 10.03
N ALA B 191 35.55 -14.43 10.19
CA ALA B 191 36.89 -14.06 9.68
C ALA B 191 38.02 -14.66 10.50
N LEU B 192 37.65 -15.44 11.50
CA LEU B 192 38.63 -16.08 12.37
C LEU B 192 38.23 -17.53 12.66
N PRO B 193 39.23 -18.37 12.99
CA PRO B 193 39.00 -19.78 13.30
C PRO B 193 38.02 -19.96 14.46
N PHE B 194 38.28 -19.21 15.55
CA PHE B 194 37.46 -19.22 16.77
C PHE B 194 37.06 -17.79 17.11
N ASP B 195 36.19 -17.62 18.11
CA ASP B 195 35.78 -16.29 18.54
C ASP B 195 34.98 -16.35 19.84
N SER B 196 34.48 -15.20 20.29
CA SER B 196 33.69 -15.11 21.51
C SER B 196 32.27 -15.59 21.27
N ALA B 197 31.75 -16.35 22.22
CA ALA B 197 30.40 -16.88 22.11
C ALA B 197 29.36 -15.93 22.71
N LEU B 198 29.79 -14.98 23.53
CA LEU B 198 28.86 -14.04 24.16
C LEU B 198 28.90 -12.62 23.56
N ASN B 199 30.01 -12.25 22.93
CA ASN B 199 30.16 -10.93 22.33
C ASN B 199 29.81 -10.84 20.84
N HIS B 200 30.16 -11.88 20.08
CA HIS B 200 29.90 -11.92 18.64
C HIS B 200 28.85 -12.96 18.22
N CYS B 201 27.86 -12.52 17.45
CA CYS B 201 26.79 -13.39 16.94
C CYS B 201 27.06 -13.63 15.45
N ASN B 202 27.81 -14.68 15.16
CA ASN B 202 28.19 -15.04 13.80
C ASN B 202 27.06 -14.87 12.79
N PHE B 203 25.84 -15.16 13.20
CA PHE B 203 24.70 -15.03 12.29
C PHE B 203 23.35 -14.94 12.98
N GLY B 204 22.31 -14.75 12.17
CA GLY B 204 20.98 -14.66 12.72
C GLY B 204 19.93 -15.38 11.87
N LEU B 205 19.09 -16.18 12.52
CA LEU B 205 18.04 -16.91 11.83
C LEU B 205 16.85 -16.02 11.56
N LEU B 206 16.46 -15.94 10.30
CA LEU B 206 15.36 -15.10 9.90
C LEU B 206 14.18 -15.90 9.38
N VAL B 207 12.97 -15.56 9.83
CA VAL B 207 11.75 -16.21 9.39
C VAL B 207 10.62 -15.17 9.31
N VAL B 208 10.24 -14.84 8.08
CA VAL B 208 9.23 -13.83 7.81
C VAL B 208 8.10 -14.26 6.89
N PRO B 209 6.88 -13.80 7.19
CA PRO B 209 5.70 -14.14 6.39
C PRO B 209 5.74 -13.27 5.15
N ILE B 210 5.98 -13.86 3.99
CA ILE B 210 6.00 -13.10 2.74
C ILE B 210 4.56 -13.06 2.21
N SER B 211 3.85 -14.18 2.35
CA SER B 211 2.43 -14.20 2.00
C SER B 211 1.82 -14.36 3.38
N PRO B 212 0.95 -13.44 3.76
CA PRO B 212 0.27 -13.43 5.05
C PRO B 212 -0.58 -14.64 5.36
N LEU B 213 -0.63 -14.98 6.64
CA LEU B 213 -1.44 -16.09 7.10
C LEU B 213 -2.90 -15.73 6.85
N ASP B 214 -3.72 -16.72 6.46
CA ASP B 214 -5.13 -16.44 6.21
C ASP B 214 -5.97 -17.70 6.42
N TYR B 215 -7.26 -17.49 6.71
CA TYR B 215 -8.19 -18.60 6.97
C TYR B 215 -9.59 -18.03 7.20
N ASP B 216 -10.60 -18.88 7.08
CA ASP B 216 -11.97 -18.43 7.31
C ASP B 216 -12.25 -18.50 8.80
N GLN B 217 -13.15 -17.65 9.27
CA GLN B 217 -13.50 -17.63 10.67
C GLN B 217 -13.81 -19.05 11.10
N GLY B 218 -13.30 -19.44 12.25
CA GLY B 218 -13.56 -20.78 12.73
C GLY B 218 -12.37 -21.71 12.75
N ALA B 219 -11.39 -21.46 11.88
CA ALA B 219 -10.20 -22.31 11.85
C ALA B 219 -9.25 -21.70 12.87
N THR B 220 -8.38 -22.52 13.46
CA THR B 220 -7.44 -22.00 14.45
C THR B 220 -6.81 -20.77 13.81
N PRO B 221 -6.81 -19.64 14.54
CA PRO B 221 -6.27 -18.34 14.13
C PRO B 221 -4.76 -18.13 14.26
N VAL B 222 -4.07 -19.04 14.93
CA VAL B 222 -2.62 -18.95 15.09
C VAL B 222 -1.93 -20.26 14.74
N ILE B 223 -0.92 -20.17 13.88
CA ILE B 223 -0.17 -21.35 13.46
C ILE B 223 1.15 -21.44 14.20
N PRO B 224 1.29 -22.46 15.07
CA PRO B 224 2.51 -22.63 15.83
C PRO B 224 3.69 -22.97 14.93
N ILE B 225 4.77 -22.22 15.11
CA ILE B 225 5.99 -22.43 14.35
C ILE B 225 6.97 -22.99 15.37
N THR B 226 7.47 -24.20 15.14
CA THR B 226 8.39 -24.78 16.11
C THR B 226 9.81 -24.90 15.62
N ILE B 227 10.72 -24.18 16.27
CA ILE B 227 12.12 -24.23 15.89
C ILE B 227 12.87 -25.22 16.75
N THR B 228 13.45 -26.22 16.10
CA THR B 228 14.23 -27.20 16.81
C THR B 228 15.58 -27.07 16.16
N LEU B 229 16.65 -27.07 16.94
CA LEU B 229 17.98 -26.92 16.37
C LEU B 229 19.01 -27.76 17.11
N ALA B 230 20.07 -28.15 16.39
CA ALA B 230 21.14 -28.97 16.97
C ALA B 230 22.56 -28.55 16.52
N PRO B 231 23.50 -28.38 17.49
CA PRO B 231 24.90 -27.98 17.28
C PRO B 231 25.75 -29.06 16.58
N MET B 232 26.50 -28.64 15.58
CA MET B 232 27.32 -29.57 14.82
C MET B 232 28.80 -29.26 14.88
N CYS B 233 29.58 -30.26 15.29
CA CYS B 233 31.02 -30.12 15.39
C CYS B 233 31.33 -28.83 16.14
N SER B 234 30.79 -28.73 17.35
CA SER B 234 30.99 -27.59 18.21
C SER B 234 32.26 -27.79 19.02
N GLU B 235 33.07 -26.74 19.13
CA GLU B 235 34.34 -26.79 19.88
C GLU B 235 34.47 -25.60 20.85
N PHE B 236 35.22 -25.81 21.93
CA PHE B 236 35.44 -24.76 22.94
C PHE B 236 36.90 -24.78 23.43
N ALA B 237 37.40 -23.64 23.94
CA ALA B 237 38.78 -23.56 24.44
C ALA B 237 38.99 -22.51 25.55
N GLY B 238 39.79 -22.87 26.57
CA GLY B 238 40.08 -21.98 27.69
C GLY B 238 38.97 -21.82 28.72
N LEU B 239 38.80 -22.82 29.59
CA LEU B 239 37.78 -22.85 30.66
C LEU B 239 37.98 -21.77 31.76
N ARG B 240 36.87 -21.25 32.29
CA ARG B 240 36.92 -20.22 33.34
C ARG B 240 35.85 -20.41 34.41
N GLY C 1 75.09 5.57 -20.28
CA GLY C 1 73.95 4.65 -19.94
C GLY C 1 73.32 3.97 -21.15
N PHE C 2 72.03 3.65 -21.03
CA PHE C 2 71.25 2.98 -22.06
C PHE C 2 70.32 4.00 -22.75
N PRO C 3 70.48 4.23 -24.07
CA PRO C 3 69.68 5.18 -24.88
C PRO C 3 68.18 4.99 -24.85
N THR C 4 67.47 6.08 -24.56
CA THR C 4 66.01 6.07 -24.46
C THR C 4 65.37 7.40 -24.90
N GLU C 5 64.15 7.32 -25.40
CA GLU C 5 63.38 8.49 -25.83
C GLU C 5 62.02 8.36 -25.17
N LEU C 6 61.61 9.35 -24.37
CA LEU C 6 60.32 9.29 -23.72
C LEU C 6 59.18 9.62 -24.68
N LYS C 7 58.14 8.79 -24.65
CA LYS C 7 56.97 8.95 -25.53
C LYS C 7 55.76 9.60 -24.82
N PRO C 8 54.92 10.32 -25.59
CA PRO C 8 53.74 10.98 -25.01
C PRO C 8 52.91 10.08 -24.09
N GLY C 9 52.54 10.63 -22.95
CA GLY C 9 51.80 9.88 -21.98
C GLY C 9 52.75 9.71 -20.81
N THR C 10 53.97 10.18 -21.01
CA THR C 10 54.96 10.10 -19.95
C THR C 10 54.49 11.05 -18.86
N ASN C 11 54.63 10.61 -17.61
CA ASN C 11 54.24 11.40 -16.44
C ASN C 11 52.74 11.58 -16.21
N GLN C 12 51.91 10.91 -16.99
CA GLN C 12 50.48 11.06 -16.81
C GLN C 12 49.92 10.06 -15.80
N PHE C 13 48.78 10.42 -15.24
CA PHE C 13 48.10 9.60 -14.25
C PHE C 13 46.77 9.11 -14.82
N LEU C 14 46.71 7.84 -15.21
CA LEU C 14 45.47 7.30 -15.73
C LEU C 14 44.80 6.58 -14.57
N THR C 15 43.57 6.99 -14.25
CA THR C 15 42.84 6.39 -13.13
C THR C 15 42.51 4.94 -13.36
N THR C 16 42.79 4.44 -14.56
CA THR C 16 42.50 3.05 -14.89
C THR C 16 43.75 2.28 -15.29
N ASP C 17 44.92 2.90 -15.15
CA ASP C 17 46.15 2.20 -15.49
C ASP C 17 46.42 1.25 -14.35
N ASP C 18 46.51 -0.04 -14.65
CA ASP C 18 46.74 -1.04 -13.61
C ASP C 18 48.20 -1.49 -13.52
N GLY C 19 49.09 -0.53 -13.43
CA GLY C 19 50.50 -0.85 -13.31
C GLY C 19 50.83 -1.19 -11.87
N VAL C 20 52.11 -1.27 -11.55
CA VAL C 20 52.50 -1.58 -10.19
C VAL C 20 53.17 -0.37 -9.58
N SER C 21 53.09 -0.31 -8.26
CA SER C 21 53.66 0.77 -7.50
C SER C 21 54.48 0.17 -6.38
N ALA C 22 55.31 0.99 -5.76
CA ALA C 22 56.18 0.55 -4.67
C ALA C 22 55.42 0.20 -3.39
N PRO C 23 55.72 -0.96 -2.79
CA PRO C 23 55.08 -1.40 -1.55
C PRO C 23 55.58 -0.57 -0.39
N ILE C 24 54.66 0.06 0.30
CA ILE C 24 55.00 0.91 1.42
C ILE C 24 55.72 0.10 2.53
N LEU C 25 55.24 -1.11 2.82
CA LEU C 25 55.82 -1.97 3.87
C LEU C 25 56.41 -3.23 3.30
N PRO C 26 57.65 -3.15 2.80
CA PRO C 26 58.29 -4.33 2.21
C PRO C 26 58.45 -5.57 3.08
N ASN C 27 58.66 -5.40 4.37
CA ASN C 27 58.87 -6.56 5.21
C ASN C 27 57.61 -7.17 5.77
N PHE C 28 56.54 -6.40 5.76
CA PHE C 28 55.28 -6.87 6.31
C PHE C 28 54.68 -8.12 5.68
N HIS C 29 54.37 -9.11 6.51
CA HIS C 29 53.74 -10.36 6.06
C HIS C 29 52.31 -10.34 6.59
N PRO C 30 51.37 -9.89 5.76
CA PRO C 30 49.93 -9.79 6.06
C PRO C 30 49.34 -11.11 6.51
N THR C 31 48.52 -11.04 7.56
CA THR C 31 47.87 -12.23 8.11
C THR C 31 47.24 -13.10 6.99
N PRO C 32 47.64 -14.39 6.90
CA PRO C 32 47.19 -15.38 5.92
C PRO C 32 45.68 -15.52 5.74
N CYS C 33 45.28 -15.66 4.48
CA CYS C 33 43.88 -15.84 4.15
C CYS C 33 43.51 -17.28 4.52
N ILE C 34 42.44 -17.44 5.30
CA ILE C 34 41.99 -18.77 5.70
C ILE C 34 40.72 -19.05 4.94
N HIS C 35 40.18 -20.25 5.08
CA HIS C 35 38.97 -20.56 4.33
C HIS C 35 37.69 -20.01 4.91
N ILE C 36 36.93 -19.33 4.05
CA ILE C 36 35.67 -18.75 4.43
C ILE C 36 34.63 -19.25 3.43
N PRO C 37 33.48 -19.69 3.93
CA PRO C 37 32.39 -20.20 3.10
C PRO C 37 31.84 -19.19 2.09
N GLY C 38 31.25 -19.71 1.03
CA GLY C 38 30.65 -18.87 0.01
C GLY C 38 31.43 -17.68 -0.52
N GLU C 39 32.54 -17.94 -1.19
CA GLU C 39 33.30 -16.86 -1.77
C GLU C 39 32.67 -16.56 -3.13
N VAL C 40 32.57 -15.29 -3.49
CA VAL C 40 32.03 -14.94 -4.79
C VAL C 40 33.22 -14.59 -5.67
N ARG C 41 33.16 -14.98 -6.95
CA ARG C 41 34.26 -14.70 -7.86
C ARG C 41 33.88 -13.83 -9.03
N ASN C 42 32.67 -14.03 -9.52
CA ASN C 42 32.18 -13.24 -10.65
C ASN C 42 30.72 -12.93 -10.44
N LEU C 43 30.40 -11.64 -10.39
CA LEU C 43 29.03 -11.14 -10.17
C LEU C 43 27.91 -11.91 -10.86
N LEU C 44 28.18 -12.44 -12.04
CA LEU C 44 27.15 -13.18 -12.76
C LEU C 44 26.69 -14.40 -11.97
N GLU C 45 27.38 -14.69 -10.86
CA GLU C 45 26.98 -15.81 -10.02
C GLU C 45 25.71 -15.31 -9.35
N LEU C 46 25.79 -14.07 -8.86
CA LEU C 46 24.67 -13.45 -8.19
C LEU C 46 23.47 -13.29 -9.09
N CYS C 47 23.70 -12.88 -10.34
CA CYS C 47 22.61 -12.68 -11.29
C CYS C 47 21.75 -13.89 -11.55
N GLN C 48 22.30 -15.08 -11.27
CA GLN C 48 21.57 -16.31 -11.49
C GLN C 48 20.78 -16.74 -10.26
N VAL C 49 20.75 -15.88 -9.25
CA VAL C 49 20.00 -16.16 -8.03
C VAL C 49 18.61 -15.58 -8.07
N GLU C 50 17.66 -16.37 -7.61
CA GLU C 50 16.27 -15.98 -7.58
C GLU C 50 16.02 -14.93 -6.51
N THR C 51 15.50 -13.78 -6.90
CA THR C 51 15.19 -12.69 -5.98
C THR C 51 13.71 -12.39 -6.14
N ILE C 52 13.08 -11.84 -5.11
CA ILE C 52 11.66 -11.55 -5.23
C ILE C 52 11.42 -10.35 -6.10
N LEU C 53 10.61 -10.55 -7.12
CA LEU C 53 10.29 -9.48 -8.05
C LEU C 53 9.03 -8.77 -7.56
N GLU C 54 9.16 -7.49 -7.25
CA GLU C 54 8.01 -6.72 -6.78
C GLU C 54 7.15 -6.33 -7.96
N VAL C 55 6.39 -7.29 -8.47
CA VAL C 55 5.50 -7.02 -9.61
C VAL C 55 4.46 -6.03 -9.15
N ASN C 56 3.88 -6.30 -7.98
CA ASN C 56 2.88 -5.43 -7.40
C ASN C 56 3.55 -4.20 -6.81
N ASN C 57 4.26 -3.44 -7.66
CA ASN C 57 4.95 -2.26 -7.18
C ASN C 57 4.03 -1.05 -7.25
N VAL C 58 2.98 -1.08 -6.44
CA VAL C 58 2.03 0.02 -6.44
C VAL C 58 1.84 0.70 -5.09
N PRO C 59 1.71 -0.07 -3.99
CA PRO C 59 1.53 0.61 -2.70
C PRO C 59 2.83 1.28 -2.29
N THR C 60 2.73 2.47 -1.72
CA THR C 60 3.90 3.18 -1.30
C THR C 60 3.78 3.47 0.18
N ASN C 61 2.53 3.45 0.66
CA ASN C 61 2.26 3.68 2.06
C ASN C 61 3.18 2.82 2.93
N ALA C 62 4.17 3.45 3.54
CA ALA C 62 5.18 2.80 4.37
C ALA C 62 4.87 1.42 4.97
N THR C 63 3.70 1.27 5.59
CA THR C 63 3.32 -0.01 6.21
C THR C 63 2.73 -1.05 5.28
N SER C 64 2.64 -0.73 4.00
CA SER C 64 2.09 -1.65 3.02
C SER C 64 3.17 -2.02 2.01
N LEU C 65 4.42 -1.66 2.31
CA LEU C 65 5.53 -1.95 1.42
C LEU C 65 5.76 -3.44 1.25
N MET C 66 5.43 -4.20 2.28
CA MET C 66 5.59 -5.64 2.21
C MET C 66 4.63 -6.21 1.19
N GLU C 67 3.62 -5.41 0.83
CA GLU C 67 2.63 -5.84 -0.14
C GLU C 67 3.13 -5.90 -1.57
N ARG C 68 4.18 -5.13 -1.87
CA ARG C 68 4.75 -5.09 -3.21
C ARG C 68 5.28 -6.46 -3.65
N LEU C 69 5.71 -7.25 -2.67
CA LEU C 69 6.27 -8.58 -2.92
C LEU C 69 5.29 -9.61 -3.46
N ARG C 70 4.01 -9.42 -3.17
CA ARG C 70 3.02 -10.37 -3.64
C ARG C 70 1.75 -9.72 -4.17
N PHE C 71 1.25 -10.27 -5.28
CA PHE C 71 0.02 -9.80 -5.87
C PHE C 71 -1.01 -10.88 -5.66
N PRO C 72 -2.30 -10.55 -5.77
CA PRO C 72 -3.25 -11.63 -5.54
C PRO C 72 -4.24 -12.02 -6.64
N VAL C 73 -4.92 -13.13 -6.38
CA VAL C 73 -5.95 -13.69 -7.27
C VAL C 73 -7.14 -13.98 -6.37
N SER C 74 -8.36 -13.78 -6.87
CA SER C 74 -9.55 -14.04 -6.06
C SER C 74 -10.72 -14.57 -6.84
N ALA C 75 -11.75 -14.98 -6.11
CA ALA C 75 -12.95 -15.51 -6.71
C ALA C 75 -13.60 -14.44 -7.57
N GLN C 76 -13.65 -13.21 -7.05
CA GLN C 76 -14.26 -12.06 -7.73
C GLN C 76 -13.83 -11.87 -9.19
N ALA C 77 -12.61 -12.28 -9.51
CA ALA C 77 -12.12 -12.13 -10.88
C ALA C 77 -12.75 -13.16 -11.78
N GLY C 78 -13.39 -12.69 -12.86
CA GLY C 78 -14.04 -13.58 -13.79
C GLY C 78 -13.10 -14.17 -14.82
N LYS C 79 -13.51 -15.27 -15.44
CA LYS C 79 -12.70 -15.93 -16.45
C LYS C 79 -12.26 -14.94 -17.52
N GLY C 80 -11.01 -15.05 -17.96
CA GLY C 80 -10.49 -14.18 -19.00
C GLY C 80 -9.88 -12.87 -18.55
N GLU C 81 -10.28 -12.39 -17.37
CA GLU C 81 -9.76 -11.13 -16.84
C GLU C 81 -8.25 -11.10 -16.77
N LEU C 82 -7.68 -9.92 -17.02
CA LEU C 82 -6.24 -9.77 -16.95
C LEU C 82 -5.84 -9.60 -15.49
N CYS C 83 -5.06 -10.54 -14.99
CA CYS C 83 -4.62 -10.49 -13.60
C CYS C 83 -3.56 -9.41 -13.41
N ALA C 84 -2.47 -9.55 -14.15
CA ALA C 84 -1.38 -8.59 -14.04
C ALA C 84 -0.50 -8.61 -15.28
N VAL C 85 0.36 -7.59 -15.38
CA VAL C 85 1.28 -7.45 -16.50
C VAL C 85 2.54 -6.64 -16.13
N PHE C 86 3.63 -6.89 -16.86
CA PHE C 86 4.90 -6.19 -16.66
C PHE C 86 5.87 -6.52 -17.78
N ARG C 87 6.94 -5.74 -17.87
CA ARG C 87 7.93 -5.92 -18.91
C ARG C 87 9.17 -6.68 -18.50
N ALA C 88 9.95 -7.09 -19.50
CA ALA C 88 11.21 -7.81 -19.27
C ALA C 88 12.34 -6.80 -19.43
N ASP C 89 12.34 -5.81 -18.52
CA ASP C 89 13.33 -4.74 -18.50
C ASP C 89 14.19 -4.71 -17.22
N PRO C 90 14.99 -5.78 -16.96
CA PRO C 90 15.84 -5.86 -15.77
C PRO C 90 16.44 -4.54 -15.22
N GLY C 91 17.06 -3.76 -16.10
CA GLY C 91 17.69 -2.52 -15.68
C GLY C 91 16.82 -1.28 -15.50
N ARG C 92 15.69 -1.21 -16.18
CA ARG C 92 14.84 -0.04 -16.05
C ARG C 92 13.97 -0.06 -14.81
N ASN C 93 13.41 1.10 -14.50
CA ASN C 93 12.56 1.24 -13.34
C ASN C 93 11.41 0.28 -13.36
N GLY C 94 10.77 0.18 -12.21
CA GLY C 94 9.67 -0.73 -12.10
C GLY C 94 10.09 -1.96 -11.33
N PRO C 95 9.29 -3.01 -11.41
CA PRO C 95 9.43 -4.33 -10.76
C PRO C 95 10.84 -4.87 -10.59
N TRP C 96 11.64 -4.81 -11.64
CA TRP C 96 12.97 -5.35 -11.58
C TRP C 96 13.92 -4.70 -10.60
N GLN C 97 13.62 -3.48 -10.22
CA GLN C 97 14.49 -2.81 -9.28
C GLN C 97 14.62 -3.59 -7.97
N SER C 98 13.57 -4.34 -7.61
CA SER C 98 13.58 -5.12 -6.35
C SER C 98 14.47 -6.34 -6.37
N THR C 99 14.60 -6.94 -7.55
CA THR C 99 15.41 -8.13 -7.73
C THR C 99 16.87 -7.75 -7.62
N LEU C 100 17.72 -8.70 -7.26
CA LEU C 100 19.13 -8.41 -7.15
C LEU C 100 19.66 -8.18 -8.55
N LEU C 101 19.15 -8.96 -9.50
CA LEU C 101 19.60 -8.80 -10.87
C LEU C 101 19.49 -7.33 -11.23
N GLY C 102 18.29 -6.79 -11.07
CA GLY C 102 18.06 -5.39 -11.39
C GLY C 102 19.11 -4.43 -10.85
N GLN C 103 19.42 -4.56 -9.55
CA GLN C 103 20.39 -3.69 -8.88
C GLN C 103 21.80 -3.79 -9.43
N LEU C 104 22.16 -4.97 -9.92
CA LEU C 104 23.47 -5.20 -10.49
C LEU C 104 23.55 -4.66 -11.90
N CYS C 105 22.44 -4.69 -12.62
CA CYS C 105 22.39 -4.17 -13.97
C CYS C 105 22.75 -2.68 -13.92
N GLY C 106 22.41 -2.05 -12.80
CA GLY C 106 22.66 -0.63 -12.61
C GLY C 106 24.11 -0.19 -12.59
N TYR C 107 25.01 -1.11 -12.25
CA TYR C 107 26.44 -0.79 -12.19
C TYR C 107 27.10 -1.09 -13.54
N TYR C 108 26.26 -1.41 -14.52
CA TYR C 108 26.68 -1.73 -15.89
C TYR C 108 25.87 -0.97 -16.92
N THR C 109 26.44 -0.82 -18.12
CA THR C 109 25.81 -0.08 -19.21
C THR C 109 25.02 -0.94 -20.22
N GLN C 110 25.57 -2.09 -20.58
CA GLN C 110 24.91 -2.99 -21.53
C GLN C 110 24.75 -4.38 -20.95
N TRP C 111 23.93 -5.21 -21.59
CA TRP C 111 23.71 -6.59 -21.14
C TRP C 111 22.77 -7.37 -22.05
N SER C 112 22.77 -8.70 -21.89
CA SER C 112 21.92 -9.59 -22.68
C SER C 112 22.01 -11.04 -22.22
N GLY C 113 20.89 -11.73 -22.29
CA GLY C 113 20.82 -13.13 -21.90
C GLY C 113 19.36 -13.52 -21.72
N SER C 114 19.11 -14.80 -21.45
CA SER C 114 17.75 -15.25 -21.25
C SER C 114 17.43 -15.10 -19.77
N LEU C 115 16.22 -14.65 -19.46
CA LEU C 115 15.84 -14.48 -18.07
C LEU C 115 14.99 -15.65 -17.64
N GLU C 116 14.41 -15.56 -16.45
CA GLU C 116 13.63 -16.66 -15.95
C GLU C 116 12.85 -16.28 -14.71
N VAL C 117 11.53 -16.22 -14.87
CA VAL C 117 10.64 -15.87 -13.77
C VAL C 117 9.93 -17.09 -13.26
N THR C 118 9.82 -17.19 -11.95
CA THR C 118 9.15 -18.32 -11.35
C THR C 118 8.02 -17.80 -10.49
N PHE C 119 6.86 -18.41 -10.64
CA PHE C 119 5.71 -17.99 -9.87
C PHE C 119 5.35 -19.00 -8.82
N MET C 120 5.01 -18.48 -7.65
CA MET C 120 4.68 -19.33 -6.54
C MET C 120 3.32 -18.98 -5.99
N PHE C 121 2.44 -19.96 -5.99
CA PHE C 121 1.10 -19.76 -5.47
C PHE C 121 1.18 -20.03 -3.98
N THR C 122 0.72 -19.10 -3.16
CA THR C 122 0.76 -19.28 -1.72
C THR C 122 -0.62 -19.36 -1.11
N GLY C 123 -1.60 -19.71 -1.94
CA GLY C 123 -2.95 -19.78 -1.43
C GLY C 123 -3.21 -21.04 -0.62
N SER C 124 -4.45 -21.21 -0.20
CA SER C 124 -4.86 -22.36 0.56
C SER C 124 -4.61 -23.60 -0.30
N PHE C 125 -4.37 -24.73 0.34
CA PHE C 125 -4.12 -25.97 -0.39
C PHE C 125 -5.34 -26.47 -1.15
N MET C 126 -6.52 -26.11 -0.65
CA MET C 126 -7.79 -26.53 -1.23
C MET C 126 -8.21 -25.83 -2.51
N ALA C 127 -7.56 -24.70 -2.82
CA ALA C 127 -7.89 -23.94 -4.01
C ALA C 127 -7.35 -24.57 -5.29
N THR C 128 -8.03 -24.29 -6.40
CA THR C 128 -7.64 -24.78 -7.71
C THR C 128 -8.13 -23.84 -8.79
N GLY C 129 -7.54 -23.96 -9.98
CA GLY C 129 -7.92 -23.12 -11.09
C GLY C 129 -6.80 -23.04 -12.10
N LYS C 130 -6.97 -22.22 -13.13
CA LYS C 130 -5.94 -22.08 -14.14
C LYS C 130 -5.68 -20.65 -14.48
N MET C 131 -4.39 -20.34 -14.68
CA MET C 131 -3.96 -19.00 -15.04
C MET C 131 -3.21 -19.13 -16.35
N LEU C 132 -3.43 -18.17 -17.24
CA LEU C 132 -2.73 -18.21 -18.50
C LEU C 132 -1.65 -17.16 -18.42
N ILE C 133 -0.42 -17.59 -18.66
CA ILE C 133 0.71 -16.70 -18.62
C ILE C 133 1.30 -16.63 -20.01
N ALA C 134 1.26 -15.45 -20.60
CA ALA C 134 1.76 -15.27 -21.94
C ALA C 134 2.85 -14.23 -22.06
N TYR C 135 3.78 -14.52 -22.97
CA TYR C 135 4.89 -13.62 -23.27
C TYR C 135 4.71 -13.09 -24.68
N THR C 136 4.76 -11.76 -24.81
CA THR C 136 4.63 -11.08 -26.10
C THR C 136 6.02 -10.49 -26.38
N PRO C 137 6.78 -11.07 -27.33
CA PRO C 137 8.12 -10.57 -27.63
C PRO C 137 8.13 -9.06 -27.83
N PRO C 138 9.33 -8.46 -27.87
CA PRO C 138 9.48 -7.01 -28.04
C PRO C 138 8.81 -6.51 -29.32
N GLY C 139 7.95 -5.51 -29.19
CA GLY C 139 7.25 -4.98 -30.34
C GLY C 139 5.79 -5.38 -30.31
N GLY C 140 5.53 -6.67 -30.11
CA GLY C 140 4.17 -7.15 -30.05
C GLY C 140 3.45 -6.45 -28.92
N PRO C 141 2.32 -5.79 -29.19
CA PRO C 141 1.54 -5.07 -28.18
C PRO C 141 0.78 -6.01 -27.26
N LEU C 142 0.64 -5.61 -26.01
CA LEU C 142 -0.08 -6.42 -25.04
C LEU C 142 -1.33 -6.96 -25.71
N PRO C 143 -1.49 -8.29 -25.71
CA PRO C 143 -2.66 -8.94 -26.33
C PRO C 143 -3.96 -8.34 -25.82
N LYS C 144 -4.89 -8.08 -26.75
CA LYS C 144 -6.19 -7.51 -26.40
C LYS C 144 -6.87 -8.29 -25.26
N ASP C 145 -7.14 -9.57 -25.49
CA ASP C 145 -7.81 -10.43 -24.52
C ASP C 145 -7.08 -11.75 -24.25
N ARG C 146 -7.71 -12.59 -23.43
CA ARG C 146 -7.14 -13.89 -23.08
C ARG C 146 -6.92 -14.77 -24.30
N ALA C 147 -7.94 -14.84 -25.13
CA ALA C 147 -7.89 -15.66 -26.35
C ALA C 147 -6.76 -15.25 -27.31
N THR C 148 -6.58 -13.96 -27.53
CA THR C 148 -5.51 -13.51 -28.43
C THR C 148 -4.15 -13.78 -27.79
N ALA C 149 -4.11 -13.73 -26.46
CA ALA C 149 -2.87 -13.99 -25.74
C ALA C 149 -2.64 -15.50 -25.77
N MET C 150 -3.74 -16.23 -25.91
CA MET C 150 -3.77 -17.69 -25.96
C MET C 150 -3.03 -18.21 -27.21
N LEU C 151 -2.97 -17.37 -28.24
CA LEU C 151 -2.33 -17.72 -29.50
C LEU C 151 -0.82 -17.45 -29.45
N GLY C 152 -0.39 -16.63 -28.50
CA GLY C 152 1.01 -16.31 -28.38
C GLY C 152 1.74 -17.32 -27.52
N THR C 153 3.04 -17.12 -27.29
CA THR C 153 3.77 -18.07 -26.47
C THR C 153 3.18 -17.94 -25.08
N HIS C 154 2.45 -18.98 -24.69
CA HIS C 154 1.77 -19.00 -23.40
C HIS C 154 1.95 -20.29 -22.63
N VAL C 155 1.49 -20.27 -21.38
CA VAL C 155 1.54 -21.42 -20.52
C VAL C 155 0.31 -21.44 -19.64
N ILE C 156 -0.43 -22.54 -19.67
CA ILE C 156 -1.58 -22.68 -18.82
C ILE C 156 -1.04 -23.21 -17.50
N TRP C 157 -1.35 -22.52 -16.41
CA TRP C 157 -0.87 -22.91 -15.10
C TRP C 157 -2.01 -23.33 -14.22
N ASP C 158 -1.99 -24.60 -13.80
CA ASP C 158 -3.03 -25.11 -12.90
C ASP C 158 -2.37 -25.26 -11.56
N PHE C 159 -2.64 -24.30 -10.68
CA PHE C 159 -2.07 -24.33 -9.34
C PHE C 159 -2.82 -25.34 -8.50
N GLY C 160 -3.65 -26.15 -9.16
CA GLY C 160 -4.37 -27.18 -8.46
C GLY C 160 -3.44 -28.38 -8.52
N LEU C 161 -2.59 -28.41 -9.55
CA LEU C 161 -1.64 -29.50 -9.73
C LEU C 161 -0.24 -29.19 -9.25
N GLN C 162 0.31 -28.08 -9.73
CA GLN C 162 1.66 -27.67 -9.34
C GLN C 162 1.63 -26.27 -8.72
N SER C 163 2.25 -26.13 -7.55
CA SER C 163 2.27 -24.85 -6.85
C SER C 163 3.26 -23.86 -7.43
N SER C 164 4.15 -24.35 -8.29
CA SER C 164 5.15 -23.49 -8.91
C SER C 164 5.22 -23.69 -10.40
N VAL C 165 5.75 -22.68 -11.05
CA VAL C 165 5.89 -22.71 -12.48
C VAL C 165 6.95 -21.68 -12.83
N THR C 166 7.81 -22.03 -13.78
CA THR C 166 8.87 -21.12 -14.17
C THR C 166 8.81 -20.82 -15.64
N LEU C 167 8.85 -19.54 -15.95
CA LEU C 167 8.81 -19.09 -17.34
C LEU C 167 10.17 -18.58 -17.74
N VAL C 168 10.53 -18.87 -18.97
CA VAL C 168 11.80 -18.44 -19.47
C VAL C 168 11.63 -17.36 -20.49
N ILE C 169 12.41 -16.30 -20.33
CA ILE C 169 12.35 -15.23 -21.29
C ILE C 169 13.55 -15.49 -22.19
N PRO C 170 13.26 -15.95 -23.41
CA PRO C 170 14.23 -16.30 -24.46
C PRO C 170 15.34 -15.29 -24.64
N TRP C 171 14.99 -14.02 -24.61
CA TRP C 171 16.01 -13.03 -24.81
C TRP C 171 15.56 -11.59 -24.57
N ILE C 172 16.50 -10.81 -24.04
CA ILE C 172 16.34 -9.39 -23.77
C ILE C 172 17.71 -8.75 -24.02
N SER C 173 17.74 -7.64 -24.78
CA SER C 173 19.00 -6.99 -25.07
C SER C 173 18.97 -5.45 -25.02
N ASN C 174 19.60 -4.92 -23.98
CA ASN C 174 19.73 -3.49 -23.77
C ASN C 174 20.97 -3.13 -24.57
N THR C 175 20.79 -2.89 -25.87
CA THR C 175 21.90 -2.55 -26.74
C THR C 175 21.62 -1.34 -27.59
N HIS C 176 20.34 -1.07 -27.85
CA HIS C 176 19.97 0.06 -28.68
C HIS C 176 20.12 1.41 -27.94
N TYR C 177 21.12 2.18 -28.36
CA TYR C 177 21.48 3.51 -27.80
C TYR C 177 20.37 4.57 -27.99
N ARG C 178 20.25 5.52 -27.05
CA ARG C 178 19.27 6.62 -27.11
C ARG C 178 19.82 7.92 -26.55
N ALA C 179 19.77 9.00 -27.33
CA ALA C 179 20.25 10.30 -26.86
C ALA C 179 19.06 11.26 -26.82
N HIS C 180 18.17 11.07 -25.85
CA HIS C 180 16.98 11.92 -25.71
C HIS C 180 17.24 13.36 -25.25
N ALA C 181 16.86 13.70 -24.02
CA ALA C 181 17.07 15.06 -23.48
C ALA C 181 18.35 15.72 -24.00
N ARG C 182 19.49 15.27 -23.46
CA ARG C 182 20.82 15.77 -23.83
C ARG C 182 21.75 14.84 -23.06
N ASP C 183 21.13 13.83 -22.47
CA ASP C 183 21.76 12.80 -21.65
C ASP C 183 21.60 11.44 -22.36
N GLY C 184 22.68 10.92 -22.92
CA GLY C 184 22.64 9.64 -23.64
C GLY C 184 22.49 8.37 -22.80
N VAL C 185 21.37 7.66 -22.98
CA VAL C 185 21.07 6.42 -22.24
C VAL C 185 20.90 5.14 -23.10
N PHE C 186 21.83 4.19 -22.99
CA PHE C 186 21.77 2.91 -23.72
C PHE C 186 20.54 2.16 -23.17
N ASP C 187 19.36 2.41 -23.77
CA ASP C 187 18.07 1.84 -23.34
C ASP C 187 17.63 0.50 -23.99
N TYR C 188 16.55 -0.06 -23.47
CA TYR C 188 15.98 -1.32 -23.95
C TYR C 188 15.34 -1.18 -25.36
N TYR C 189 14.01 -1.24 -25.39
CA TYR C 189 13.14 -1.17 -26.59
C TYR C 189 12.58 -2.59 -26.70
N THR C 190 13.37 -3.50 -26.13
CA THR C 190 13.12 -4.95 -26.07
C THR C 190 12.19 -5.25 -24.90
N THR C 191 11.39 -4.27 -24.53
CA THR C 191 10.47 -4.46 -23.44
C THR C 191 9.56 -5.63 -23.74
N GLY C 192 10.08 -6.85 -23.55
CA GLY C 192 9.26 -8.01 -23.78
C GLY C 192 8.15 -7.87 -22.75
N LEU C 193 6.99 -8.46 -23.01
CA LEU C 193 5.89 -8.35 -22.04
C LEU C 193 5.37 -9.65 -21.52
N VAL C 194 5.03 -9.66 -20.25
CA VAL C 194 4.49 -10.86 -19.66
C VAL C 194 3.12 -10.56 -19.09
N SER C 195 2.10 -11.14 -19.70
CA SER C 195 0.73 -10.93 -19.26
C SER C 195 0.27 -12.18 -18.53
N ILE C 196 -0.71 -12.01 -17.65
CA ILE C 196 -1.26 -13.11 -16.87
C ILE C 196 -2.76 -12.99 -16.72
N TRP C 197 -3.47 -13.94 -17.30
CA TRP C 197 -4.93 -13.90 -17.28
C TRP C 197 -5.56 -15.07 -16.56
N TYR C 198 -6.73 -14.80 -15.99
CA TYR C 198 -7.48 -15.82 -15.30
C TYR C 198 -8.07 -16.73 -16.36
N GLN C 199 -7.43 -17.86 -16.65
CA GLN C 199 -7.98 -18.78 -17.65
C GLN C 199 -9.36 -19.21 -17.14
N THR C 200 -9.40 -19.65 -15.87
CA THR C 200 -10.64 -20.07 -15.23
C THR C 200 -10.73 -19.19 -14.00
N ASN C 201 -11.82 -19.28 -13.25
CA ASN C 201 -11.95 -18.47 -12.05
C ASN C 201 -11.29 -19.18 -10.86
N TYR C 202 -11.25 -18.50 -9.72
CA TYR C 202 -10.66 -19.06 -8.51
C TYR C 202 -11.75 -19.90 -7.85
N VAL C 203 -11.48 -21.19 -7.69
CA VAL C 203 -12.43 -22.12 -7.09
C VAL C 203 -12.01 -22.63 -5.72
N VAL C 204 -12.92 -22.57 -4.77
CA VAL C 204 -12.59 -23.00 -3.44
C VAL C 204 -13.80 -23.57 -2.71
N PRO C 205 -13.57 -24.49 -1.77
CA PRO C 205 -14.64 -25.12 -0.99
C PRO C 205 -14.92 -24.25 0.23
N ILE C 206 -16.07 -24.45 0.86
CA ILE C 206 -16.36 -23.67 2.04
C ILE C 206 -15.20 -23.88 3.00
N GLY C 207 -14.82 -22.84 3.73
CA GLY C 207 -13.73 -22.98 4.69
C GLY C 207 -12.37 -22.46 4.28
N ALA C 208 -12.23 -22.15 3.00
CA ALA C 208 -10.97 -21.63 2.50
C ALA C 208 -11.12 -20.19 2.03
N PRO C 209 -10.12 -19.35 2.33
CA PRO C 209 -10.10 -17.93 1.97
C PRO C 209 -10.28 -17.77 0.47
N ASN C 210 -11.03 -16.73 0.08
CA ASN C 210 -11.35 -16.46 -1.32
C ASN C 210 -10.35 -15.55 -2.01
N THR C 211 -9.14 -15.53 -1.46
CA THR C 211 -8.04 -14.74 -2.00
C THR C 211 -6.74 -15.42 -1.66
N ALA C 212 -5.78 -15.29 -2.54
CA ALA C 212 -4.50 -15.90 -2.29
C ALA C 212 -3.52 -15.02 -3.02
N TYR C 213 -2.26 -15.05 -2.61
CA TYR C 213 -1.27 -14.22 -3.27
C TYR C 213 -0.32 -15.08 -4.06
N ILE C 214 0.54 -14.43 -4.84
CA ILE C 214 1.54 -15.14 -5.65
C ILE C 214 2.85 -14.38 -5.55
N ILE C 215 3.96 -15.10 -5.67
CA ILE C 215 5.26 -14.44 -5.56
C ILE C 215 6.09 -14.64 -6.82
N ALA C 216 6.64 -13.54 -7.32
CA ALA C 216 7.45 -13.61 -8.51
C ALA C 216 8.91 -13.67 -8.10
N LEU C 217 9.63 -14.59 -8.72
CA LEU C 217 11.05 -14.74 -8.45
C LEU C 217 11.73 -14.77 -9.79
N ALA C 218 12.77 -13.96 -9.93
CA ALA C 218 13.47 -13.90 -11.20
C ALA C 218 14.98 -14.03 -11.03
N ALA C 219 15.64 -14.38 -12.13
CA ALA C 219 17.08 -14.55 -12.18
C ALA C 219 17.38 -14.65 -13.66
N ALA C 220 18.64 -14.67 -14.01
CA ALA C 220 18.98 -14.79 -15.41
C ALA C 220 19.63 -16.14 -15.64
N GLN C 221 19.56 -16.62 -16.88
CA GLN C 221 20.16 -17.91 -17.22
C GLN C 221 21.66 -17.77 -17.15
N LYS C 222 22.35 -18.87 -17.43
CA LYS C 222 23.81 -18.89 -17.39
C LYS C 222 24.39 -18.15 -18.61
N ASN C 223 23.54 -17.84 -19.58
CA ASN C 223 23.97 -17.15 -20.79
C ASN C 223 23.88 -15.63 -20.64
N PHE C 224 23.75 -15.16 -19.40
CA PHE C 224 23.66 -13.74 -19.17
C PHE C 224 25.03 -13.08 -19.17
N THR C 225 25.08 -11.79 -19.50
CA THR C 225 26.33 -11.03 -19.52
C THR C 225 26.10 -9.55 -19.36
N MET C 226 27.15 -8.83 -18.98
CA MET C 226 27.04 -7.40 -18.80
C MET C 226 28.31 -6.73 -19.28
N LYS C 227 28.21 -5.48 -19.72
CA LYS C 227 29.36 -4.72 -20.23
C LYS C 227 29.34 -3.25 -19.84
N LEU C 228 30.54 -2.70 -19.65
CA LEU C 228 30.73 -1.29 -19.29
C LEU C 228 30.45 -0.90 -17.86
N CYS C 229 31.41 -1.09 -16.96
CA CYS C 229 31.18 -0.71 -15.58
C CYS C 229 30.69 0.75 -15.56
N LYS C 230 29.61 0.99 -14.82
CA LYS C 230 29.06 2.33 -14.70
C LYS C 230 28.52 2.49 -13.30
N ASP C 231 29.28 3.15 -12.45
CA ASP C 231 28.87 3.40 -11.09
C ASP C 231 27.78 4.46 -11.13
N ALA C 232 26.64 4.17 -10.54
CA ALA C 232 25.53 5.10 -10.50
C ALA C 232 24.74 4.74 -9.26
N SER C 233 24.27 5.74 -8.52
CA SER C 233 23.50 5.46 -7.34
C SER C 233 22.85 6.70 -6.76
N ASP C 234 21.73 6.50 -6.08
CA ASP C 234 20.98 7.56 -5.43
C ASP C 234 21.41 7.55 -3.98
N ILE C 235 21.82 6.37 -3.52
CA ILE C 235 22.29 6.19 -2.15
C ILE C 235 23.79 6.36 -2.15
N LEU C 236 24.28 7.28 -1.35
CA LEU C 236 25.71 7.51 -1.26
C LEU C 236 26.07 7.74 0.20
N GLN C 237 27.36 7.72 0.49
CA GLN C 237 27.82 7.95 1.85
C GLN C 237 27.60 9.42 2.20
N THR C 238 26.80 9.67 3.24
CA THR C 238 26.50 11.03 3.67
C THR C 238 27.68 11.70 4.39
N GLY C 239 27.73 13.03 4.32
CA GLY C 239 28.79 13.78 4.95
C GLY C 239 29.05 13.41 6.41
N ASP D 1 -20.67 9.64 -21.21
CA ASP D 1 -21.43 9.77 -22.45
C ASP D 1 -22.02 8.42 -22.90
N ILE D 2 -22.33 7.58 -21.92
CA ILE D 2 -23.07 6.32 -22.12
C ILE D 2 -24.32 6.40 -21.26
N VAL D 3 -25.49 6.48 -21.90
CA VAL D 3 -26.74 6.73 -21.19
C VAL D 3 -27.55 5.45 -21.06
N LEU D 4 -28.22 5.29 -19.92
CA LEU D 4 -29.08 4.16 -19.63
C LEU D 4 -30.51 4.65 -19.45
N THR D 5 -31.44 4.09 -20.22
CA THR D 5 -32.84 4.45 -20.13
C THR D 5 -33.65 3.28 -19.60
N GLN D 6 -34.47 3.54 -18.59
CA GLN D 6 -35.21 2.50 -17.87
C GLN D 6 -36.70 2.64 -18.14
N SER D 7 -37.33 1.53 -18.50
CA SER D 7 -38.76 1.54 -18.78
C SER D 7 -39.48 0.36 -18.16
N PRO D 8 -40.62 0.65 -17.51
CA PRO D 8 -41.20 1.98 -17.37
C PRO D 8 -40.67 2.74 -16.17
N ALA D 9 -41.09 4.00 -16.03
CA ALA D 9 -40.68 4.77 -14.88
C ALA D 9 -41.50 4.41 -13.65
N ILE D 10 -42.80 4.17 -13.82
CA ILE D 10 -43.69 3.80 -12.72
C ILE D 10 -44.43 2.53 -13.11
N MET D 11 -44.67 1.68 -12.12
CA MET D 11 -45.21 0.34 -12.32
C MET D 11 -46.13 0.00 -11.16
N SER D 12 -47.12 -0.86 -11.40
CA SER D 12 -48.01 -1.31 -10.35
C SER D 12 -48.37 -2.78 -10.55
N ALA D 13 -48.07 -3.61 -9.56
CA ALA D 13 -48.34 -5.04 -9.58
C ALA D 13 -49.35 -5.42 -8.50
N SER D 14 -50.03 -6.54 -8.72
CA SER D 14 -51.30 -6.86 -8.06
C SER D 14 -51.39 -6.93 -6.53
N PRO D 15 -50.54 -7.72 -5.83
CA PRO D 15 -49.38 -8.59 -6.05
C PRO D 15 -49.66 -10.09 -6.06
N GLY D 16 -48.63 -10.84 -6.43
CA GLY D 16 -48.70 -12.26 -6.70
C GLY D 16 -48.44 -12.58 -8.15
N GLU D 17 -48.14 -11.58 -8.95
CA GLU D 17 -47.90 -11.69 -10.37
C GLU D 17 -46.46 -11.28 -10.65
N LYS D 18 -46.03 -11.40 -11.90
CA LYS D 18 -44.64 -11.07 -12.16
C LYS D 18 -44.48 -9.60 -12.55
N VAL D 19 -43.22 -9.17 -12.55
CA VAL D 19 -42.80 -7.79 -12.76
C VAL D 19 -41.53 -7.82 -13.60
N THR D 20 -41.52 -7.09 -14.72
CA THR D 20 -40.38 -7.06 -15.62
C THR D 20 -40.01 -5.62 -15.88
N MET D 21 -38.90 -5.20 -15.29
CA MET D 21 -38.33 -3.89 -15.48
C MET D 21 -37.17 -3.99 -16.45
N THR D 22 -36.96 -2.94 -17.24
CA THR D 22 -35.98 -3.00 -18.31
C THR D 22 -35.00 -1.85 -18.21
N CYS D 23 -33.74 -2.14 -18.50
CA CYS D 23 -32.68 -1.13 -18.62
C CYS D 23 -32.08 -1.29 -20.01
N SER D 24 -32.29 -0.29 -20.86
CA SER D 24 -31.74 -0.27 -22.21
C SER D 24 -30.59 0.72 -22.27
N ALA D 25 -29.54 0.36 -23.02
CA ALA D 25 -28.33 1.16 -23.15
C ALA D 25 -28.20 1.72 -24.57
N SER D 26 -27.48 2.84 -24.69
CA SER D 26 -27.26 3.43 -25.99
C SER D 26 -26.14 2.74 -26.76
N SER D 27 -25.27 2.02 -26.08
CA SER D 27 -24.19 1.27 -26.71
C SER D 27 -24.07 -0.08 -26.01
N SER D 28 -23.36 -1.00 -26.64
CA SER D 28 -23.20 -2.34 -26.10
C SER D 28 -22.42 -2.30 -24.80
N VAL D 29 -22.93 -3.05 -23.83
CA VAL D 29 -22.42 -3.10 -22.48
C VAL D 29 -22.06 -4.48 -21.98
N SER D 30 -21.01 -4.58 -21.20
CA SER D 30 -20.57 -5.83 -20.63
C SER D 30 -21.41 -6.49 -19.51
N TYR D 31 -21.90 -5.75 -18.55
CA TYR D 31 -22.70 -6.32 -17.49
C TYR D 31 -23.51 -5.20 -16.92
N ILE D 32 -24.50 -5.50 -16.09
CA ILE D 32 -25.30 -4.47 -15.49
C ILE D 32 -25.59 -4.84 -14.07
N HIS D 33 -25.73 -3.86 -13.18
CA HIS D 33 -25.96 -4.06 -11.76
C HIS D 33 -27.18 -3.32 -11.39
N TRP D 34 -27.81 -3.72 -10.32
CA TRP D 34 -29.09 -3.16 -9.90
C TRP D 34 -29.04 -2.83 -8.42
N TYR D 35 -29.68 -1.72 -8.07
CA TYR D 35 -29.81 -1.29 -6.69
C TYR D 35 -31.29 -1.13 -6.37
N GLN D 36 -31.56 -0.86 -5.09
CA GLN D 36 -32.91 -0.64 -4.60
C GLN D 36 -32.87 0.58 -3.69
N GLN D 37 -33.94 1.36 -3.70
CA GLN D 37 -33.98 2.53 -2.81
C GLN D 37 -35.40 2.71 -2.31
N LYS D 38 -35.63 2.39 -1.04
CA LYS D 38 -36.88 2.77 -0.41
C LYS D 38 -36.77 4.19 0.15
N SER D 39 -37.93 4.77 0.47
CA SER D 39 -37.99 6.19 0.82
C SER D 39 -37.37 6.45 2.18
N GLY D 40 -36.60 7.54 2.28
CA GLY D 40 -35.89 7.90 3.49
C GLY D 40 -34.58 7.16 3.69
N THR D 41 -34.36 6.05 2.99
CA THR D 41 -33.19 5.22 3.12
C THR D 41 -32.37 5.27 1.83
N SER D 42 -31.09 4.97 1.96
CA SER D 42 -30.14 5.03 0.85
C SER D 42 -30.35 3.84 -0.09
N PRO D 43 -29.63 3.79 -1.22
CA PRO D 43 -29.74 2.63 -2.10
C PRO D 43 -29.10 1.39 -1.49
N LYS D 44 -29.77 0.25 -1.65
CA LYS D 44 -29.29 -1.04 -1.20
C LYS D 44 -28.85 -1.88 -2.41
N ARG D 45 -27.99 -2.84 -2.17
CA ARG D 45 -27.48 -3.67 -3.26
C ARG D 45 -28.44 -4.82 -3.55
N TRP D 46 -28.52 -5.18 -4.83
CA TRP D 46 -29.58 -6.09 -5.26
C TRP D 46 -29.08 -7.14 -6.24
N ILE D 47 -28.61 -6.75 -7.40
CA ILE D 47 -28.16 -7.70 -8.37
C ILE D 47 -26.85 -7.23 -8.94
N TYR D 48 -25.88 -8.10 -9.12
CA TYR D 48 -24.62 -7.71 -9.72
C TYR D 48 -24.22 -8.65 -10.81
N ASP D 49 -23.45 -8.14 -11.74
CA ASP D 49 -23.00 -8.90 -12.86
C ASP D 49 -24.20 -9.49 -13.52
N THR D 50 -25.23 -8.68 -13.59
CA THR D 50 -26.49 -9.02 -14.22
C THR D 50 -27.33 -10.05 -13.51
N SER D 51 -26.80 -11.24 -13.29
CA SER D 51 -27.60 -12.28 -12.68
C SER D 51 -27.31 -12.84 -11.32
N ARG D 52 -26.39 -12.26 -10.58
CA ARG D 52 -26.05 -12.75 -9.27
C ARG D 52 -26.72 -11.92 -8.21
N LEU D 53 -27.26 -12.57 -7.21
CA LEU D 53 -27.98 -11.92 -6.17
C LEU D 53 -27.16 -11.67 -4.92
N ALA D 54 -27.40 -10.51 -4.33
CA ALA D 54 -26.75 -10.06 -3.13
C ALA D 54 -27.32 -10.94 -2.07
N PHE D 55 -26.62 -11.08 -0.98
CA PHE D 55 -26.99 -12.04 0.03
C PHE D 55 -28.40 -11.99 0.51
N GLY D 56 -28.88 -10.83 0.77
CA GLY D 56 -30.22 -10.67 1.25
C GLY D 56 -31.38 -10.95 0.35
N VAL D 57 -31.20 -10.62 -0.91
CA VAL D 57 -32.27 -10.68 -1.86
C VAL D 57 -32.99 -12.01 -2.01
N PRO D 58 -34.36 -11.86 -1.99
CA PRO D 58 -35.10 -13.09 -2.16
C PRO D 58 -34.83 -13.77 -3.46
N GLY D 59 -35.03 -15.06 -3.50
CA GLY D 59 -34.80 -15.85 -4.67
C GLY D 59 -35.77 -15.61 -5.79
N ARG D 60 -36.83 -14.86 -5.53
CA ARG D 60 -37.88 -14.57 -6.50
C ARG D 60 -37.53 -13.50 -7.49
N PHE D 61 -36.43 -12.85 -7.25
CA PHE D 61 -35.86 -11.86 -8.14
C PHE D 61 -34.90 -12.54 -9.11
N SER D 62 -34.84 -12.03 -10.33
CA SER D 62 -34.06 -12.63 -11.39
C SER D 62 -33.36 -11.55 -12.19
N GLY D 63 -32.35 -11.95 -12.96
CA GLY D 63 -31.61 -11.03 -13.79
C GLY D 63 -31.09 -11.63 -15.07
N SER D 64 -31.22 -10.91 -16.17
CA SER D 64 -30.73 -11.39 -17.46
C SER D 64 -30.50 -10.19 -18.36
N GLY D 65 -30.09 -10.47 -19.59
CA GLY D 65 -29.78 -9.44 -20.56
C GLY D 65 -28.43 -9.70 -21.21
N SER D 66 -28.27 -9.19 -22.42
CA SER D 66 -27.03 -9.36 -23.16
C SER D 66 -26.90 -8.22 -24.15
N GLY D 67 -25.69 -7.67 -24.25
CA GLY D 67 -25.41 -6.63 -25.23
C GLY D 67 -25.87 -5.25 -24.85
N THR D 68 -27.09 -4.87 -25.24
CA THR D 68 -27.60 -3.53 -25.03
C THR D 68 -28.92 -3.47 -24.28
N SER D 69 -29.61 -4.61 -24.09
CA SER D 69 -30.90 -4.61 -23.41
C SER D 69 -30.85 -5.64 -22.28
N TYR D 70 -30.97 -5.18 -21.05
CA TYR D 70 -30.95 -6.04 -19.87
C TYR D 70 -32.24 -5.82 -19.08
N SER D 71 -32.59 -6.78 -18.23
CA SER D 71 -33.87 -6.70 -17.53
C SER D 71 -33.81 -7.40 -16.18
N LEU D 72 -34.53 -6.82 -15.22
CA LEU D 72 -34.72 -7.40 -13.89
C LEU D 72 -36.14 -7.92 -13.81
N THR D 73 -36.30 -9.20 -13.49
CA THR D 73 -37.63 -9.80 -13.44
C THR D 73 -37.92 -10.25 -12.02
N ILE D 74 -39.17 -10.06 -11.60
CA ILE D 74 -39.65 -10.46 -10.28
C ILE D 74 -40.89 -11.32 -10.50
N SER D 75 -40.84 -12.56 -10.03
CA SER D 75 -42.02 -13.38 -9.96
C SER D 75 -41.89 -14.30 -8.76
N SER D 76 -42.84 -14.21 -7.83
CA SER D 76 -43.97 -13.29 -7.93
C SER D 76 -43.82 -12.07 -7.02
N MET D 77 -44.69 -11.08 -7.21
CA MET D 77 -44.60 -9.79 -6.56
C MET D 77 -45.23 -9.83 -5.16
N GLU D 78 -44.60 -9.13 -4.22
CA GLU D 78 -45.10 -9.05 -2.85
C GLU D 78 -44.92 -7.63 -2.33
N ALA D 79 -45.85 -7.21 -1.47
CA ALA D 79 -45.98 -5.83 -1.01
C ALA D 79 -44.71 -5.27 -0.38
N GLU D 80 -43.73 -6.12 -0.09
CA GLU D 80 -42.49 -5.69 0.53
C GLU D 80 -41.44 -5.20 -0.46
N ASP D 81 -41.67 -5.39 -1.76
CA ASP D 81 -40.70 -5.06 -2.78
C ASP D 81 -40.77 -3.63 -3.28
N ALA D 82 -41.92 -2.97 -3.13
CA ALA D 82 -42.14 -1.63 -3.67
C ALA D 82 -41.00 -0.67 -3.33
N ALA D 83 -40.17 -0.38 -4.32
CA ALA D 83 -39.08 0.58 -4.18
C ALA D 83 -38.75 1.13 -5.56
N THR D 84 -37.69 1.91 -5.64
CA THR D 84 -37.19 2.38 -6.92
C THR D 84 -35.93 1.61 -7.23
N TYR D 85 -35.83 1.11 -8.47
CA TYR D 85 -34.74 0.23 -8.86
C TYR D 85 -33.93 0.89 -9.94
N TYR D 86 -32.64 1.04 -9.69
CA TYR D 86 -31.74 1.66 -10.64
C TYR D 86 -30.79 0.62 -11.22
N CYS D 87 -30.46 0.79 -12.48
CA CYS D 87 -29.41 -0.01 -13.11
C CYS D 87 -28.13 0.81 -13.16
N GLN D 88 -27.03 0.14 -13.45
CA GLN D 88 -25.74 0.83 -13.51
C GLN D 88 -24.80 0.04 -14.41
N GLN D 89 -23.92 0.78 -15.04
CA GLN D 89 -22.97 0.27 -15.98
C GLN D 89 -21.60 0.56 -15.49
N TRP D 90 -20.68 -0.33 -15.77
CA TRP D 90 -19.33 -0.17 -15.35
C TRP D 90 -18.26 -0.09 -16.43
N SER D 91 -18.61 -0.04 -17.68
CA SER D 91 -17.63 0.08 -18.73
C SER D 91 -16.79 1.36 -18.96
N SER D 92 -17.39 2.55 -18.87
CA SER D 92 -16.66 3.79 -19.13
C SER D 92 -16.81 4.98 -18.19
N ASN D 93 -17.99 5.52 -18.20
CA ASN D 93 -18.33 6.63 -17.33
C ASN D 93 -19.40 5.95 -16.58
N TYR D 94 -19.28 5.95 -15.29
CA TYR D 94 -20.13 5.13 -14.48
C TYR D 94 -21.37 5.82 -14.30
N THR D 95 -22.33 5.34 -15.06
CA THR D 95 -23.63 5.91 -15.20
C THR D 95 -24.71 5.14 -14.52
N PHE D 96 -25.69 5.87 -14.03
CA PHE D 96 -26.84 5.23 -13.42
C PHE D 96 -28.05 5.37 -14.34
N GLY D 97 -29.03 4.50 -14.11
CA GLY D 97 -30.29 4.61 -14.82
C GLY D 97 -31.26 5.54 -14.10
N GLY D 98 -32.41 5.76 -14.75
CA GLY D 98 -33.39 6.69 -14.20
C GLY D 98 -34.23 6.11 -13.08
N GLY D 99 -34.25 4.78 -12.95
CA GLY D 99 -35.00 4.12 -11.90
C GLY D 99 -36.39 3.72 -12.37
N THR D 100 -37.02 2.86 -11.57
CA THR D 100 -38.38 2.40 -11.85
C THR D 100 -39.16 2.36 -10.54
N ASN D 101 -40.14 3.26 -10.42
CA ASN D 101 -41.01 3.30 -9.25
C ASN D 101 -41.93 2.08 -9.28
N LEU D 102 -41.61 1.06 -8.48
CA LEU D 102 -42.50 -0.09 -8.34
C LEU D 102 -43.44 0.13 -7.17
N GLU D 103 -44.73 -0.16 -7.39
CA GLU D 103 -45.76 0.20 -6.43
C GLU D 103 -46.77 -0.93 -6.30
N ILE D 104 -47.52 -0.89 -5.22
CA ILE D 104 -48.54 -1.90 -4.93
C ILE D 104 -49.84 -1.47 -5.57
N LYS D 105 -50.50 -2.40 -6.25
CA LYS D 105 -51.84 -2.15 -6.78
C LYS D 105 -52.87 -2.62 -5.77
N ARG D 106 -53.99 -1.89 -5.70
CA ARG D 106 -55.08 -2.24 -4.81
C ARG D 106 -56.40 -1.80 -5.46
N ALA D 107 -57.51 -2.13 -4.80
CA ALA D 107 -58.80 -1.68 -5.29
C ALA D 107 -58.87 -0.16 -5.31
N ASP D 108 -59.62 0.38 -6.27
CA ASP D 108 -59.72 1.83 -6.40
C ASP D 108 -60.36 2.44 -5.15
N ALA D 109 -59.84 3.60 -4.75
CA ALA D 109 -60.36 4.32 -3.60
C ALA D 109 -60.66 5.75 -4.02
N ALA D 110 -61.90 6.18 -3.81
CA ALA D 110 -62.23 7.58 -4.04
C ALA D 110 -61.73 8.43 -2.87
N PRO D 111 -61.35 9.68 -3.12
CA PRO D 111 -60.75 10.49 -2.06
C PRO D 111 -61.78 10.98 -1.05
N THR D 112 -61.26 11.34 0.12
CA THR D 112 -62.04 11.97 1.17
C THR D 112 -61.64 13.45 1.18
N VAL D 113 -62.51 14.31 0.64
CA VAL D 113 -62.15 15.68 0.33
C VAL D 113 -62.44 16.59 1.52
N SER D 114 -61.52 17.53 1.77
CA SER D 114 -61.65 18.49 2.84
C SER D 114 -61.22 19.86 2.34
N ILE D 115 -62.06 20.87 2.59
CA ILE D 115 -61.80 22.24 2.19
C ILE D 115 -61.53 23.06 3.44
N PHE D 116 -60.70 24.10 3.29
CA PHE D 116 -60.33 24.91 4.44
C PHE D 116 -60.29 26.37 4.04
N PRO D 117 -61.16 27.21 4.60
CA PRO D 117 -61.02 28.65 4.39
C PRO D 117 -59.67 29.12 4.88
N PRO D 118 -59.17 30.23 4.34
CA PRO D 118 -57.92 30.79 4.87
C PRO D 118 -58.04 31.08 6.36
N SER D 119 -56.88 31.23 7.00
CA SER D 119 -56.82 31.43 8.44
C SER D 119 -56.90 32.90 8.79
N SER D 120 -57.64 33.21 9.85
CA SER D 120 -57.77 34.59 10.32
C SER D 120 -56.49 35.13 10.93
N GLU D 121 -55.38 34.42 10.72
CA GLU D 121 -54.04 34.85 11.07
C GLU D 121 -53.23 35.27 9.86
N GLN D 122 -53.36 34.54 8.76
CA GLN D 122 -52.67 34.91 7.53
C GLN D 122 -53.29 36.16 6.92
N LEU D 123 -54.62 36.33 7.02
CA LEU D 123 -55.29 37.47 6.42
C LEU D 123 -54.83 38.78 7.03
N THR D 124 -54.53 38.80 8.33
CA THR D 124 -53.95 39.98 8.97
C THR D 124 -52.55 40.31 8.46
N SER D 125 -52.05 39.59 7.45
CA SER D 125 -50.72 39.77 6.91
C SER D 125 -50.74 40.05 5.41
N GLY D 126 -51.92 40.27 4.83
CA GLY D 126 -52.02 40.55 3.42
C GLY D 126 -52.02 39.33 2.52
N GLY D 127 -52.28 38.15 3.07
CA GLY D 127 -52.31 36.94 2.27
C GLY D 127 -53.54 36.12 2.58
N ALA D 128 -53.88 35.26 1.63
CA ALA D 128 -55.00 34.33 1.78
C ALA D 128 -54.73 33.09 0.98
N SER D 129 -54.61 31.95 1.65
CA SER D 129 -54.38 30.67 0.99
C SER D 129 -55.57 29.77 1.27
N VAL D 130 -56.20 29.28 0.22
CA VAL D 130 -57.31 28.33 0.34
C VAL D 130 -56.74 26.95 0.05
N VAL D 131 -56.99 26.00 0.94
CA VAL D 131 -56.36 24.68 0.90
C VAL D 131 -57.41 23.59 0.77
N CYS D 132 -57.06 22.55 0.03
CA CYS D 132 -57.95 21.42 -0.20
C CYS D 132 -57.18 20.11 0.01
N PHE D 133 -57.73 19.23 0.85
CA PHE D 133 -57.11 17.94 1.16
C PHE D 133 -57.95 16.82 0.54
N LEU D 134 -57.34 16.05 -0.37
CA LEU D 134 -57.92 14.81 -0.88
C LEU D 134 -57.14 13.66 -0.26
N ASN D 135 -57.76 12.93 0.65
CA ASN D 135 -57.06 11.97 1.49
C ASN D 135 -57.46 10.55 1.13
N ASN D 136 -56.46 9.68 0.96
CA ASN D 136 -56.64 8.23 0.89
C ASN D 136 -57.40 7.79 -0.37
N PHE D 137 -56.80 7.98 -1.54
CA PHE D 137 -57.45 7.60 -2.79
C PHE D 137 -56.51 6.73 -3.62
N TYR D 138 -57.11 6.01 -4.57
CA TYR D 138 -56.37 5.15 -5.49
C TYR D 138 -57.15 4.92 -6.79
N PRO D 139 -56.46 4.93 -7.94
CA PRO D 139 -55.01 5.12 -8.09
C PRO D 139 -54.56 6.56 -7.92
N LYS D 140 -53.28 6.81 -8.20
CA LYS D 140 -52.69 8.10 -7.86
C LYS D 140 -53.15 9.20 -8.81
N ASP D 141 -53.37 8.85 -10.09
CA ASP D 141 -53.74 9.84 -11.08
C ASP D 141 -55.01 10.55 -10.65
N ILE D 142 -55.02 11.88 -10.76
CA ILE D 142 -56.19 12.66 -10.37
C ILE D 142 -56.11 14.02 -11.01
N ASN D 143 -57.28 14.58 -11.33
CA ASN D 143 -57.42 15.98 -11.68
C ASN D 143 -58.24 16.66 -10.60
N VAL D 144 -57.86 17.89 -10.28
CA VAL D 144 -58.62 18.71 -9.34
C VAL D 144 -58.71 20.11 -9.93
N LYS D 145 -59.89 20.70 -9.85
CA LYS D 145 -60.10 22.05 -10.35
C LYS D 145 -60.65 22.91 -9.23
N TRP D 146 -60.25 24.17 -9.25
CA TRP D 146 -60.80 25.19 -8.36
C TRP D 146 -61.79 26.03 -9.14
N LYS D 147 -62.96 26.24 -8.56
CA LYS D 147 -64.01 27.01 -9.22
C LYS D 147 -64.46 28.13 -8.29
N ILE D 148 -63.87 29.30 -8.52
CA ILE D 148 -64.21 30.54 -7.82
C ILE D 148 -65.42 31.18 -8.47
N ASP D 149 -66.51 31.33 -7.71
CA ASP D 149 -67.72 32.00 -8.19
C ASP D 149 -68.10 31.56 -9.59
N GLY D 150 -67.94 30.27 -9.88
CA GLY D 150 -68.30 29.73 -11.17
C GLY D 150 -67.22 29.77 -12.24
N SER D 151 -66.09 30.41 -12.01
CA SER D 151 -65.00 30.36 -12.98
C SER D 151 -64.10 29.19 -12.61
N GLU D 152 -62.93 29.12 -13.24
CA GLU D 152 -61.92 28.15 -12.90
C GLU D 152 -60.59 28.87 -12.89
N ARG D 153 -59.65 28.39 -12.10
CA ARG D 153 -58.36 29.05 -12.00
C ARG D 153 -57.25 28.02 -11.95
N GLN D 154 -56.10 28.40 -12.51
CA GLN D 154 -54.89 27.58 -12.45
C GLN D 154 -53.69 28.34 -11.91
N ASN D 155 -53.77 29.66 -11.79
CA ASN D 155 -52.66 30.45 -11.27
C ASN D 155 -52.53 30.25 -9.77
N GLY D 156 -51.31 29.98 -9.31
CA GLY D 156 -51.07 29.85 -7.89
C GLY D 156 -51.66 28.61 -7.28
N VAL D 157 -51.77 27.53 -8.06
CA VAL D 157 -52.25 26.25 -7.57
C VAL D 157 -51.03 25.37 -7.31
N LEU D 158 -50.84 24.97 -6.05
CA LEU D 158 -49.74 24.12 -5.64
C LEU D 158 -50.30 22.76 -5.23
N ASN D 159 -49.83 21.69 -5.88
CA ASN D 159 -50.33 20.36 -5.63
C ASN D 159 -49.20 19.43 -5.21
N SER D 160 -49.40 18.71 -4.11
CA SER D 160 -48.40 17.83 -3.54
C SER D 160 -48.99 16.43 -3.35
N TRP D 161 -48.17 15.40 -3.59
CA TRP D 161 -48.61 14.02 -3.51
C TRP D 161 -47.78 13.27 -2.46
N THR D 162 -48.43 12.37 -1.72
CA THR D 162 -47.70 11.53 -0.80
C THR D 162 -47.16 10.30 -1.53
N ASP D 163 -46.23 9.61 -0.86
CA ASP D 163 -45.87 8.28 -1.29
C ASP D 163 -46.91 7.29 -0.76
N GLN D 164 -46.90 6.08 -1.33
CA GLN D 164 -48.00 5.15 -1.09
C GLN D 164 -48.01 4.70 0.36
N ASP D 165 -49.20 4.73 0.97
CA ASP D 165 -49.34 4.44 2.39
C ASP D 165 -48.88 3.02 2.69
N SER D 166 -48.17 2.86 3.81
CA SER D 166 -47.66 1.55 4.21
C SER D 166 -48.71 0.68 4.87
N LYS D 167 -49.97 1.12 4.90
CA LYS D 167 -51.04 0.36 5.53
C LYS D 167 -52.13 0.00 4.54
N ASP D 168 -52.85 0.98 3.99
CA ASP D 168 -53.88 0.71 3.00
C ASP D 168 -53.39 0.89 1.56
N SER D 169 -52.18 1.41 1.38
CA SER D 169 -51.57 1.56 0.05
C SER D 169 -52.34 2.55 -0.83
N THR D 170 -52.78 3.65 -0.23
CA THR D 170 -53.37 4.77 -0.95
C THR D 170 -52.37 5.92 -1.04
N TYR D 171 -52.75 6.96 -1.77
CA TYR D 171 -52.01 8.20 -1.76
C TYR D 171 -52.91 9.33 -1.28
N SER D 172 -52.28 10.41 -0.83
CA SER D 172 -52.99 11.61 -0.41
C SER D 172 -52.48 12.82 -1.19
N MET D 173 -53.28 13.88 -1.16
CA MET D 173 -52.98 15.07 -1.95
C MET D 173 -53.46 16.32 -1.23
N SER D 174 -52.70 17.39 -1.40
CA SER D 174 -53.04 18.71 -0.91
C SER D 174 -53.00 19.68 -2.09
N SER D 175 -54.02 20.54 -2.20
CA SER D 175 -54.04 21.57 -3.22
C SER D 175 -54.24 22.93 -2.56
N THR D 176 -53.32 23.85 -2.80
CA THR D 176 -53.32 25.16 -2.19
C THR D 176 -53.42 26.22 -3.26
N LEU D 177 -54.38 27.13 -3.08
CA LEU D 177 -54.61 28.25 -3.98
C LEU D 177 -54.18 29.52 -3.26
N THR D 178 -53.02 30.04 -3.63
CA THR D 178 -52.41 31.18 -2.94
C THR D 178 -52.77 32.47 -3.65
N LEU D 179 -53.64 33.26 -3.04
CA LEU D 179 -54.13 34.52 -3.58
C LEU D 179 -53.64 35.66 -2.71
N THR D 180 -54.19 36.84 -2.95
CA THR D 180 -53.97 37.98 -2.07
C THR D 180 -55.19 38.15 -1.19
N LYS D 181 -55.04 38.97 -0.15
CA LYS D 181 -56.20 39.35 0.66
C LYS D 181 -57.30 39.95 -0.20
N ASP D 182 -56.96 40.97 -0.98
CA ASP D 182 -57.95 41.65 -1.82
C ASP D 182 -58.52 40.71 -2.86
N GLU D 183 -57.66 39.89 -3.48
CA GLU D 183 -58.17 38.96 -4.49
C GLU D 183 -59.07 37.93 -3.86
N TYR D 184 -58.78 37.54 -2.62
CA TYR D 184 -59.64 36.61 -1.89
C TYR D 184 -61.03 37.21 -1.65
N GLU D 185 -61.07 38.39 -1.04
CA GLU D 185 -62.36 39.02 -0.76
C GLU D 185 -62.97 39.66 -1.99
N ARG D 186 -62.45 39.34 -3.14
CA ARG D 186 -63.06 39.77 -4.35
C ARG D 186 -64.22 38.88 -4.75
N HIS D 187 -64.22 37.63 -4.33
CA HIS D 187 -65.24 36.67 -4.69
C HIS D 187 -65.98 36.13 -3.51
N ASN D 188 -66.99 35.34 -3.76
CA ASN D 188 -67.77 34.80 -2.69
C ASN D 188 -67.61 33.32 -2.50
N SER D 189 -67.72 32.55 -3.56
CA SER D 189 -67.62 31.09 -3.47
C SER D 189 -66.39 30.39 -4.03
N TYR D 190 -65.64 29.69 -3.17
CA TYR D 190 -64.46 28.93 -3.55
C TYR D 190 -64.83 27.49 -3.46
N THR D 191 -64.36 26.69 -4.38
CA THR D 191 -64.74 25.29 -4.57
C THR D 191 -63.62 24.51 -5.22
N CYS D 192 -63.34 23.33 -4.66
CA CYS D 192 -62.35 22.41 -5.21
C CYS D 192 -63.07 21.11 -5.57
N GLU D 193 -63.09 20.76 -6.86
CA GLU D 193 -63.77 19.57 -7.34
C GLU D 193 -62.73 18.58 -7.85
N ALA D 194 -62.77 17.36 -7.34
CA ALA D 194 -61.77 16.34 -7.64
C ALA D 194 -62.37 15.29 -8.55
N THR D 195 -61.75 15.08 -9.70
CA THR D 195 -62.21 14.12 -10.70
C THR D 195 -61.33 12.89 -10.65
N HIS D 196 -61.94 11.71 -10.72
CA HIS D 196 -61.21 10.47 -10.52
C HIS D 196 -61.80 9.33 -11.32
N LYS D 197 -61.03 8.26 -11.45
CA LYS D 197 -61.46 7.03 -12.11
C LYS D 197 -62.41 6.20 -11.26
N THR D 198 -62.69 6.63 -10.03
CA THR D 198 -63.60 5.94 -9.12
C THR D 198 -65.06 6.35 -9.38
N SER D 199 -65.38 7.62 -9.18
CA SER D 199 -66.75 8.10 -9.31
C SER D 199 -67.02 8.66 -10.71
N THR D 200 -68.31 8.84 -11.00
CA THR D 200 -68.74 9.30 -12.32
C THR D 200 -68.72 10.81 -12.44
N SER D 201 -69.10 11.49 -11.38
CA SER D 201 -69.18 12.93 -11.27
C SER D 201 -68.16 13.40 -10.25
N PRO D 202 -67.73 14.66 -10.31
CA PRO D 202 -66.70 15.13 -9.38
C PRO D 202 -67.19 15.06 -7.94
N ILE D 203 -66.24 15.14 -7.02
CA ILE D 203 -66.54 15.23 -5.61
C ILE D 203 -66.28 16.67 -5.21
N VAL D 204 -67.33 17.37 -4.82
CA VAL D 204 -67.31 18.82 -4.67
C VAL D 204 -67.46 19.17 -3.21
N LYS D 205 -66.53 19.97 -2.70
CA LYS D 205 -66.63 20.59 -1.38
C LYS D 205 -66.57 22.08 -1.58
N SER D 206 -67.44 22.80 -0.88
CA SER D 206 -67.64 24.21 -1.18
C SER D 206 -67.81 24.97 0.12
N PHE D 207 -67.61 26.27 0.03
CA PHE D 207 -67.94 27.19 1.11
C PHE D 207 -68.07 28.59 0.51
N ASN D 208 -68.85 29.42 1.16
CA ASN D 208 -69.06 30.80 0.74
C ASN D 208 -68.29 31.70 1.68
N ARG D 209 -67.59 32.69 1.11
CA ARG D 209 -66.64 33.47 1.90
C ARG D 209 -67.36 34.23 3.01
N ASN D 210 -68.56 34.72 2.73
CA ASN D 210 -69.30 35.56 3.68
C ASN D 210 -70.07 34.67 4.67
N GLU D 211 -69.30 33.95 5.49
CA GLU D 211 -69.92 33.22 6.60
C GLU D 211 -69.05 33.10 7.85
N CYS D 212 -67.74 33.26 7.72
CA CYS D 212 -66.89 33.31 8.92
C CYS D 212 -66.11 34.62 9.00
N GLU E 1 -20.91 -4.70 12.28
CA GLU E 1 -21.51 -4.27 11.02
C GLU E 1 -20.64 -3.32 10.22
N VAL E 2 -20.75 -3.39 8.90
CA VAL E 2 -20.12 -2.42 8.02
C VAL E 2 -20.92 -1.13 8.11
N LYS E 3 -20.25 -0.04 8.50
CA LYS E 3 -20.95 1.23 8.68
C LYS E 3 -20.19 2.33 7.98
N LEU E 4 -20.90 3.09 7.16
CA LEU E 4 -20.39 4.30 6.52
C LEU E 4 -21.29 5.44 6.96
N VAL E 5 -20.71 6.37 7.71
CA VAL E 5 -21.45 7.48 8.31
C VAL E 5 -20.69 8.74 7.96
N GLU E 6 -21.35 9.66 7.26
CA GLU E 6 -20.69 10.84 6.71
C GLU E 6 -21.17 12.12 7.38
N SER E 7 -20.35 13.16 7.24
CA SER E 7 -20.50 14.39 8.00
C SER E 7 -20.11 15.59 7.14
N GLY E 8 -20.64 16.75 7.48
CA GLY E 8 -20.42 17.96 6.73
C GLY E 8 -21.65 18.37 5.94
N GLY E 9 -21.60 19.56 5.40
CA GLY E 9 -22.66 20.01 4.53
C GLY E 9 -23.51 21.10 5.11
N GLY E 10 -24.68 21.30 4.49
CA GLY E 10 -25.61 22.34 4.88
C GLY E 10 -25.82 23.32 3.75
N SER E 11 -26.07 24.58 4.13
CA SER E 11 -26.20 25.65 3.16
C SER E 11 -24.84 26.28 2.91
N VAL E 12 -24.54 26.53 1.64
CA VAL E 12 -23.29 27.18 1.23
C VAL E 12 -23.65 28.16 0.12
N LYS E 13 -23.00 29.32 0.13
CA LYS E 13 -23.34 30.17 -1.00
C LYS E 13 -22.49 29.80 -2.20
N PRO E 14 -22.99 30.04 -3.42
CA PRO E 14 -22.25 29.62 -4.61
C PRO E 14 -20.92 30.34 -4.71
N GLY E 15 -19.87 29.56 -5.04
CA GLY E 15 -18.52 30.02 -5.04
C GLY E 15 -17.73 29.58 -3.82
N GLY E 16 -18.41 29.35 -2.70
CA GLY E 16 -17.73 28.89 -1.50
C GLY E 16 -17.21 27.47 -1.67
N SER E 17 -16.42 27.06 -0.68
CA SER E 17 -15.84 25.72 -0.67
C SER E 17 -16.31 24.96 0.57
N LEU E 18 -16.26 23.64 0.47
CA LEU E 18 -16.71 22.77 1.54
C LEU E 18 -15.93 21.47 1.50
N LYS E 19 -15.93 20.77 2.62
CA LYS E 19 -15.27 19.47 2.71
C LYS E 19 -16.20 18.49 3.39
N LEU E 20 -16.38 17.33 2.78
CA LEU E 20 -17.19 16.25 3.34
C LEU E 20 -16.29 15.10 3.75
N SER E 21 -16.73 14.38 4.78
CA SER E 21 -15.98 13.25 5.31
C SER E 21 -16.95 12.12 5.65
N CYS E 22 -16.42 10.90 5.56
CA CYS E 22 -17.16 9.68 5.83
C CYS E 22 -16.30 8.83 6.75
N ALA E 23 -16.90 8.21 7.74
CA ALA E 23 -16.17 7.38 8.69
C ALA E 23 -16.54 5.90 8.55
N ALA E 24 -15.52 5.05 8.50
CA ALA E 24 -15.70 3.62 8.28
C ALA E 24 -15.66 2.84 9.59
N SER E 25 -16.25 1.65 9.56
CA SER E 25 -16.38 0.82 10.75
C SER E 25 -16.68 -0.60 10.35
N GLY E 26 -15.94 -1.55 10.91
CA GLY E 26 -16.30 -2.95 10.74
C GLY E 26 -15.87 -3.56 9.43
N PHE E 27 -14.83 -3.02 8.80
CA PHE E 27 -14.17 -3.68 7.68
C PHE E 27 -12.81 -3.02 7.50
N SER E 28 -11.86 -3.81 7.00
CA SER E 28 -10.51 -3.29 6.80
C SER E 28 -10.54 -2.27 5.66
N PHE E 29 -10.39 -1.00 6.01
CA PHE E 29 -10.64 0.10 5.07
C PHE E 29 -9.63 0.12 3.93
N SER E 30 -8.34 -0.08 4.25
CA SER E 30 -7.28 0.11 3.25
C SER E 30 -7.44 -0.83 2.05
N THR E 31 -8.03 -2.00 2.25
CA THR E 31 -8.08 -2.98 1.17
C THR E 31 -9.17 -2.69 0.14
N TYR E 32 -9.88 -1.55 0.24
CA TYR E 32 -11.02 -1.26 -0.62
C TYR E 32 -10.87 0.11 -1.26
N GLY E 33 -11.42 0.24 -2.48
CA GLY E 33 -11.59 1.52 -3.10
C GLY E 33 -12.91 2.11 -2.65
N MET E 34 -12.98 3.45 -2.61
CA MET E 34 -14.14 4.11 -2.03
C MET E 34 -14.58 5.27 -2.90
N SER E 35 -15.88 5.41 -3.10
CA SER E 35 -16.43 6.41 -4.00
C SER E 35 -17.51 7.22 -3.30
N TRP E 36 -17.76 8.41 -3.85
CA TRP E 36 -18.92 9.21 -3.51
C TRP E 36 -19.92 9.16 -4.65
N VAL E 37 -21.20 9.22 -4.29
CA VAL E 37 -22.29 9.34 -5.25
C VAL E 37 -23.28 10.36 -4.69
N ARG E 38 -23.92 11.11 -5.58
CA ARG E 38 -24.89 12.13 -5.20
C ARG E 38 -26.24 11.82 -5.80
N GLN E 39 -27.30 12.17 -5.07
CA GLN E 39 -28.67 11.97 -5.52
C GLN E 39 -29.37 13.32 -5.54
N THR E 40 -29.78 13.75 -6.74
CA THR E 40 -30.59 14.96 -6.84
C THR E 40 -31.99 14.68 -6.27
N PRO E 41 -32.59 15.67 -5.56
CA PRO E 41 -33.87 15.47 -4.86
C PRO E 41 -34.64 14.19 -5.13
N GLU E 42 -34.01 13.04 -4.80
CA GLU E 42 -34.62 11.72 -4.72
C GLU E 42 -34.86 11.09 -6.09
N LYS E 43 -34.11 11.48 -7.11
CA LYS E 43 -34.35 10.93 -8.44
C LYS E 43 -33.09 10.40 -9.11
N ARG E 44 -32.14 11.30 -9.40
CA ARG E 44 -31.03 11.00 -10.30
C ARG E 44 -29.77 10.69 -9.48
N LEU E 45 -29.06 9.64 -9.86
CA LEU E 45 -27.83 9.23 -9.19
C LEU E 45 -26.65 9.50 -10.10
N GLU E 46 -25.62 10.16 -9.57
CA GLU E 46 -24.46 10.57 -10.37
C GLU E 46 -23.18 10.28 -9.61
N TRP E 47 -22.30 9.49 -10.22
CA TRP E 47 -20.98 9.23 -9.67
C TRP E 47 -20.11 10.48 -9.70
N VAL E 48 -19.33 10.70 -8.63
CA VAL E 48 -18.55 11.94 -8.52
C VAL E 48 -17.05 11.73 -8.31
N ALA E 49 -16.63 10.60 -7.75
CA ALA E 49 -15.20 10.32 -7.59
C ALA E 49 -14.99 8.97 -6.93
N THR E 50 -13.79 8.40 -7.17
CA THR E 50 -13.29 7.20 -6.49
C THR E 50 -11.84 7.41 -6.09
N ILE E 51 -11.39 6.63 -5.12
CA ILE E 51 -9.99 6.62 -4.70
C ILE E 51 -9.52 5.17 -4.61
N SER E 52 -8.27 4.93 -5.00
CA SER E 52 -7.72 3.59 -5.00
C SER E 52 -7.60 3.06 -3.57
N GLY E 53 -7.26 1.78 -3.46
CA GLY E 53 -7.17 1.16 -2.15
C GLY E 53 -6.17 1.84 -1.24
N GLY E 54 -5.04 2.28 -1.80
CA GLY E 54 -4.11 3.12 -1.06
C GLY E 54 -4.16 4.50 -1.65
N GLY E 55 -3.06 5.25 -1.60
CA GLY E 55 -3.01 6.51 -2.33
C GLY E 55 -3.29 6.29 -3.82
N GLY E 56 -2.37 5.61 -4.50
CA GLY E 56 -2.54 5.19 -5.88
C GLY E 56 -3.21 6.18 -6.81
N TYR E 57 -4.30 5.76 -7.45
CA TYR E 57 -4.98 6.59 -8.43
C TYR E 57 -6.27 7.17 -7.87
N THR E 58 -6.60 8.37 -8.34
CA THR E 58 -7.92 8.93 -8.19
C THR E 58 -8.58 8.99 -9.56
N TYR E 59 -9.91 8.84 -9.58
CA TYR E 59 -10.73 8.87 -10.79
C TYR E 59 -11.92 9.78 -10.56
N TYR E 60 -12.22 10.62 -11.55
CA TYR E 60 -13.29 11.61 -11.48
C TYR E 60 -14.13 11.58 -12.74
N PRO E 61 -15.38 12.02 -12.65
CA PRO E 61 -16.23 12.20 -13.84
C PRO E 61 -16.08 13.61 -14.41
N ASP E 62 -16.60 13.78 -15.61
CA ASP E 62 -16.36 15.00 -16.37
C ASP E 62 -17.26 16.17 -15.93
N SER E 63 -18.14 15.97 -14.96
CA SER E 63 -18.90 17.08 -14.40
C SER E 63 -18.21 17.75 -13.21
N VAL E 64 -17.13 17.17 -12.72
CA VAL E 64 -16.60 17.54 -11.41
C VAL E 64 -15.08 17.63 -11.44
N LYS E 65 -14.45 16.91 -12.37
CA LYS E 65 -13.00 16.92 -12.53
C LYS E 65 -12.52 18.35 -12.65
N GLY E 66 -11.91 18.84 -11.57
CA GLY E 66 -11.44 20.22 -11.54
C GLY E 66 -11.77 20.90 -10.22
N ARG E 67 -12.95 20.61 -9.66
CA ARG E 67 -13.40 21.22 -8.42
C ARG E 67 -13.38 20.30 -7.20
N PHE E 68 -13.71 19.02 -7.37
CA PHE E 68 -13.71 18.12 -6.24
C PHE E 68 -12.39 17.35 -6.18
N THR E 69 -12.06 16.88 -4.99
CA THR E 69 -10.84 16.13 -4.75
C THR E 69 -11.13 15.13 -3.65
N ILE E 70 -10.96 13.84 -3.93
CA ILE E 70 -11.31 12.79 -2.98
C ILE E 70 -10.02 12.31 -2.32
N SER E 71 -10.09 12.08 -1.01
CA SER E 71 -8.91 11.66 -0.27
C SER E 71 -9.33 10.68 0.82
N ARG E 72 -8.33 10.00 1.38
CA ARG E 72 -8.53 9.04 2.44
C ARG E 72 -7.33 9.12 3.36
N ASP E 73 -7.56 8.81 4.63
CA ASP E 73 -6.50 8.68 5.62
C ASP E 73 -6.70 7.32 6.26
N ASN E 74 -5.82 6.37 5.92
CA ASN E 74 -6.00 4.98 6.33
C ASN E 74 -5.43 4.70 7.71
N ALA E 75 -5.62 5.65 8.61
CA ALA E 75 -5.37 5.47 10.03
C ALA E 75 -6.64 5.61 10.86
N ARG E 76 -7.60 6.39 10.38
CA ARG E 76 -8.86 6.59 11.06
C ARG E 76 -10.04 6.10 10.22
N ASN E 77 -9.77 5.45 9.10
CA ASN E 77 -10.77 4.85 8.22
C ASN E 77 -11.84 5.87 7.84
N ILE E 78 -11.43 6.86 7.06
CA ILE E 78 -12.29 8.01 6.77
C ILE E 78 -11.97 8.56 5.38
N LEU E 79 -13.00 8.67 4.56
CA LEU E 79 -12.93 9.33 3.27
C LEU E 79 -13.07 10.84 3.43
N TYR E 80 -12.54 11.57 2.46
CA TYR E 80 -12.71 13.01 2.42
C TYR E 80 -13.08 13.44 1.00
N LEU E 81 -13.91 14.48 0.92
CA LEU E 81 -14.26 15.09 -0.36
C LEU E 81 -14.33 16.61 -0.15
N GLN E 82 -13.30 17.31 -0.62
CA GLN E 82 -13.35 18.76 -0.67
C GLN E 82 -13.89 19.21 -2.01
N MET E 83 -14.79 20.18 -1.96
CA MET E 83 -15.44 20.72 -3.14
C MET E 83 -15.20 22.23 -3.15
N SER E 84 -14.50 22.71 -4.16
CA SER E 84 -14.20 24.13 -4.29
C SER E 84 -14.94 24.68 -5.50
N SER E 85 -15.15 26.00 -5.48
CA SER E 85 -15.90 26.68 -6.53
C SER E 85 -17.23 25.96 -6.74
N LEU E 86 -17.98 25.85 -5.66
CA LEU E 86 -19.25 25.13 -5.70
C LEU E 86 -20.29 25.94 -6.47
N ARG E 87 -21.07 25.24 -7.29
CA ARG E 87 -22.05 25.88 -8.17
C ARG E 87 -23.46 25.49 -7.74
N SER E 88 -24.43 26.10 -8.43
CA SER E 88 -25.83 25.84 -8.13
C SER E 88 -26.21 24.40 -8.48
N GLY E 89 -25.62 23.86 -9.56
CA GLY E 89 -25.86 22.47 -9.94
C GLY E 89 -25.28 21.43 -9.00
N ASP E 90 -24.61 21.84 -7.93
CA ASP E 90 -24.00 20.89 -7.02
C ASP E 90 -24.88 20.57 -5.81
N THR E 91 -26.05 21.19 -5.72
CA THR E 91 -27.00 20.87 -4.66
C THR E 91 -27.48 19.44 -4.79
N ALA E 92 -27.27 18.63 -3.75
CA ALA E 92 -27.73 17.24 -3.73
C ALA E 92 -27.40 16.56 -2.41
N MET E 93 -27.67 15.26 -2.34
CA MET E 93 -27.45 14.43 -1.17
C MET E 93 -26.33 13.46 -1.51
N TYR E 94 -25.22 13.54 -0.76
CA TYR E 94 -23.99 12.83 -1.10
C TYR E 94 -23.77 11.60 -0.22
N TYR E 95 -23.63 10.44 -0.86
CA TYR E 95 -23.39 9.19 -0.17
C TYR E 95 -21.94 8.76 -0.40
N CYS E 96 -21.40 8.06 0.58
CA CYS E 96 -20.07 7.47 0.49
C CYS E 96 -20.35 5.98 0.26
N ALA E 97 -19.70 5.37 -0.73
CA ALA E 97 -19.95 3.97 -1.03
C ALA E 97 -18.64 3.21 -1.04
N ARG E 98 -18.72 1.92 -0.71
CA ARG E 98 -17.58 1.02 -0.79
C ARG E 98 -17.66 0.26 -2.10
N ARG E 99 -16.51 0.09 -2.76
CA ARG E 99 -16.44 -0.51 -4.09
C ARG E 99 -15.74 -1.86 -4.01
N VAL E 100 -16.49 -2.93 -4.25
CA VAL E 100 -15.94 -4.28 -4.19
C VAL E 100 -15.65 -4.76 -5.61
N THR E 101 -14.94 -5.86 -5.70
CA THR E 101 -14.53 -6.44 -6.97
C THR E 101 -15.38 -7.65 -7.31
N THR E 102 -15.83 -7.72 -8.55
CA THR E 102 -16.63 -8.82 -9.02
C THR E 102 -15.83 -9.52 -10.09
N VAL E 103 -16.47 -10.27 -10.97
CA VAL E 103 -15.71 -11.00 -11.96
C VAL E 103 -14.93 -10.09 -12.85
N ALA E 104 -15.57 -9.04 -13.33
CA ALA E 104 -14.89 -8.12 -14.17
C ALA E 104 -15.02 -6.69 -13.75
N GLU E 105 -16.22 -6.32 -13.44
CA GLU E 105 -16.52 -4.96 -13.07
C GLU E 105 -16.44 -4.79 -11.60
N TYR E 106 -17.03 -3.70 -11.13
CA TYR E 106 -17.11 -3.29 -9.75
C TYR E 106 -18.54 -3.11 -9.37
N TYR E 107 -18.83 -2.99 -8.11
CA TYR E 107 -20.17 -2.84 -7.56
C TYR E 107 -20.07 -2.16 -6.20
N PHE E 108 -21.09 -1.36 -5.87
CA PHE E 108 -21.15 -0.64 -4.60
C PHE E 108 -22.03 -1.41 -3.61
N ASP E 109 -21.38 -2.06 -2.62
CA ASP E 109 -22.08 -2.88 -1.64
C ASP E 109 -22.93 -2.05 -0.68
N TYR E 110 -22.27 -1.25 0.13
CA TYR E 110 -22.93 -0.52 1.19
C TYR E 110 -22.84 0.95 0.85
N TRP E 111 -23.91 1.66 1.15
CA TRP E 111 -23.98 3.09 1.00
C TRP E 111 -24.22 3.68 2.37
N GLY E 112 -23.60 4.82 2.66
CA GLY E 112 -23.92 5.52 3.87
C GLY E 112 -25.30 6.14 3.76
N GLN E 113 -25.68 6.87 4.80
CA GLN E 113 -26.99 7.51 4.82
C GLN E 113 -26.96 8.92 4.22
N GLY E 114 -25.78 9.40 3.86
CA GLY E 114 -25.64 10.65 3.13
C GLY E 114 -25.62 11.90 3.97
N THR E 115 -24.97 12.93 3.45
CA THR E 115 -25.13 14.30 3.91
C THR E 115 -25.82 15.07 2.81
N THR E 116 -26.44 16.17 3.17
CA THR E 116 -27.17 16.99 2.23
C THR E 116 -26.41 18.28 1.99
N LEU E 117 -26.28 18.65 0.72
CA LEU E 117 -25.63 19.89 0.32
C LEU E 117 -26.63 20.76 -0.41
N THR E 118 -26.82 21.98 0.05
CA THR E 118 -27.64 22.97 -0.63
C THR E 118 -26.76 24.17 -0.94
N VAL E 119 -26.49 24.38 -2.22
CA VAL E 119 -25.74 25.54 -2.69
C VAL E 119 -26.77 26.58 -3.10
N SER E 120 -26.80 27.71 -2.40
CA SER E 120 -27.84 28.66 -2.70
C SER E 120 -27.51 30.03 -2.10
N SER E 121 -28.03 31.07 -2.75
CA SER E 121 -27.81 32.45 -2.36
C SER E 121 -28.83 33.11 -1.42
N PRO E 122 -29.98 32.51 -1.12
CA PRO E 122 -30.98 33.22 -0.32
C PRO E 122 -30.66 33.08 1.17
N LYS E 123 -31.46 33.76 1.97
CA LYS E 123 -31.29 33.77 3.41
C LYS E 123 -31.95 32.53 4.00
N THR E 124 -31.68 32.30 5.28
CA THR E 124 -32.39 31.29 6.06
C THR E 124 -33.62 31.95 6.67
N THR E 125 -34.78 31.33 6.49
CA THR E 125 -36.03 31.98 6.87
C THR E 125 -36.87 31.06 7.76
N PRO E 126 -37.31 31.54 8.92
CA PRO E 126 -38.23 30.75 9.72
C PRO E 126 -39.58 30.65 9.04
N PRO E 127 -40.32 29.57 9.24
CA PRO E 127 -41.60 29.41 8.56
C PRO E 127 -42.73 30.09 9.30
N SER E 128 -43.79 30.37 8.56
CA SER E 128 -45.04 30.86 9.13
C SER E 128 -46.05 29.72 9.14
N VAL E 129 -46.71 29.51 10.27
CA VAL E 129 -47.69 28.44 10.42
C VAL E 129 -49.07 29.05 10.60
N TYR E 130 -50.01 28.53 9.86
CA TYR E 130 -51.35 29.00 9.83
C TYR E 130 -52.26 27.82 10.05
N PRO E 131 -53.28 28.05 10.95
CA PRO E 131 -54.16 26.91 11.22
C PRO E 131 -55.14 26.55 10.16
N LEU E 132 -55.52 25.30 10.09
CA LEU E 132 -56.45 24.87 9.09
C LEU E 132 -57.67 24.15 9.62
N ALA E 133 -58.61 24.90 10.14
CA ALA E 133 -59.83 24.38 10.66
C ALA E 133 -60.88 24.59 9.62
N PRO E 134 -62.08 23.96 9.82
CA PRO E 134 -63.10 24.20 8.80
C PRO E 134 -64.18 25.27 9.14
N ALA E 135 -64.46 26.24 8.28
CA ALA E 135 -65.46 27.30 8.55
C ALA E 135 -66.70 26.99 9.37
N THR E 139 -69.90 18.18 10.87
CA THR E 139 -70.91 17.74 9.95
C THR E 139 -70.89 16.25 9.75
N ASN E 140 -70.02 15.57 10.47
CA ASN E 140 -69.90 14.15 10.33
C ASN E 140 -69.07 13.63 11.44
N SER E 141 -68.74 12.35 11.34
CA SER E 141 -68.02 11.63 12.37
C SER E 141 -66.51 11.43 12.29
N MET E 142 -65.80 12.17 11.46
CA MET E 142 -64.35 12.06 11.40
C MET E 142 -63.92 13.49 11.14
N VAL E 143 -62.81 13.95 11.69
CA VAL E 143 -62.37 15.31 11.46
C VAL E 143 -60.99 15.33 10.86
N THR E 144 -60.83 16.07 9.78
CA THR E 144 -59.54 16.20 9.16
C THR E 144 -59.14 17.62 9.35
N LEU E 145 -58.11 17.84 10.14
CA LEU E 145 -57.56 19.17 10.33
C LEU E 145 -56.24 19.26 9.59
N GLY E 146 -55.70 20.47 9.52
CA GLY E 146 -54.46 20.69 8.80
C GLY E 146 -53.62 21.76 9.43
N CYS E 147 -52.45 21.99 8.84
CA CYS E 147 -51.51 23.01 9.30
C CYS E 147 -50.64 23.41 8.12
N LEU E 148 -50.85 24.62 7.62
CA LEU E 148 -50.11 25.11 6.46
C LEU E 148 -48.92 25.92 6.94
N VAL E 149 -47.72 25.45 6.62
CA VAL E 149 -46.47 26.10 7.04
C VAL E 149 -45.75 26.56 5.79
N LYS E 150 -45.67 27.88 5.62
CA LYS E 150 -45.36 28.53 4.35
C LYS E 150 -44.10 29.40 4.41
N GLY E 151 -43.38 29.44 3.29
CA GLY E 151 -42.33 30.42 3.06
C GLY E 151 -41.11 30.37 3.95
N TYR E 152 -40.46 29.20 4.01
CA TYR E 152 -39.26 29.00 4.79
C TYR E 152 -38.13 28.51 3.88
N PHE E 153 -36.91 28.62 4.40
CA PHE E 153 -35.73 28.11 3.71
C PHE E 153 -34.59 28.01 4.71
N PRO E 154 -33.80 26.93 4.64
CA PRO E 154 -33.95 25.84 3.68
C PRO E 154 -34.87 24.76 4.18
N GLU E 155 -34.70 23.56 3.64
CA GLU E 155 -35.41 22.41 4.15
C GLU E 155 -34.46 21.65 5.08
N PRO E 156 -35.01 20.78 5.95
CA PRO E 156 -36.44 20.53 6.13
C PRO E 156 -37.04 21.24 7.32
N VAL E 157 -38.33 20.96 7.51
CA VAL E 157 -39.08 21.37 8.68
C VAL E 157 -39.69 20.10 9.26
N THR E 158 -40.26 20.22 10.47
CA THR E 158 -40.89 19.05 11.08
C THR E 158 -42.23 19.44 11.68
N VAL E 159 -43.26 18.65 11.36
CA VAL E 159 -44.62 18.86 11.83
C VAL E 159 -44.97 17.68 12.70
N THR E 160 -45.16 17.93 14.00
CA THR E 160 -45.57 16.92 14.96
C THR E 160 -46.94 17.30 15.51
N TRP E 161 -47.79 16.31 15.75
CA TRP E 161 -49.19 16.54 16.14
C TRP E 161 -49.41 16.08 17.56
N ASN E 162 -49.66 17.04 18.45
CA ASN E 162 -49.88 16.78 19.88
C ASN E 162 -48.72 15.98 20.46
N SER E 163 -47.55 16.13 19.86
CA SER E 163 -46.27 15.58 20.32
C SER E 163 -46.13 14.11 19.98
N GLY E 164 -46.78 13.66 18.92
CA GLY E 164 -46.65 12.31 18.42
C GLY E 164 -47.87 11.44 18.64
N SER E 165 -48.78 11.86 19.50
CA SER E 165 -49.93 11.03 19.86
C SER E 165 -50.82 10.71 18.66
N LEU E 166 -50.87 11.59 17.66
CA LEU E 166 -51.78 11.44 16.52
C LEU E 166 -51.12 10.85 15.27
N SER E 167 -49.91 10.31 15.40
CA SER E 167 -49.12 9.87 14.25
C SER E 167 -49.88 8.90 13.33
N SER E 168 -50.89 8.21 13.83
CA SER E 168 -51.51 7.15 13.04
C SER E 168 -52.40 7.69 11.93
N GLY E 169 -52.90 8.91 12.07
CA GLY E 169 -53.75 9.51 11.06
C GLY E 169 -53.17 10.82 10.59
N VAL E 170 -51.92 10.80 10.13
CA VAL E 170 -51.21 12.00 9.71
C VAL E 170 -50.63 11.77 8.33
N HIS E 171 -50.87 12.72 7.42
CA HIS E 171 -50.22 12.76 6.12
C HIS E 171 -49.36 14.01 6.07
N THR E 172 -48.11 13.82 5.66
CA THR E 172 -47.16 14.92 5.51
C THR E 172 -46.82 15.04 4.03
N PHE E 173 -47.19 16.17 3.44
CA PHE E 173 -47.07 16.38 2.00
C PHE E 173 -45.81 17.17 1.67
N PRO E 174 -45.01 16.65 0.73
CA PRO E 174 -43.69 17.22 0.47
C PRO E 174 -43.72 18.74 0.26
N ALA E 175 -42.67 19.40 0.72
CA ALA E 175 -42.55 20.83 0.52
C ALA E 175 -42.33 21.15 -0.95
N VAL E 176 -43.00 22.19 -1.42
CA VAL E 176 -42.93 22.62 -2.81
C VAL E 176 -42.25 24.00 -2.86
N LEU E 177 -41.32 24.15 -3.80
CA LEU E 177 -40.52 25.35 -3.94
C LEU E 177 -41.21 26.34 -4.86
N GLN E 178 -41.59 27.50 -4.34
CA GLN E 178 -41.79 28.64 -5.23
C GLN E 178 -41.73 29.94 -4.44
N SER E 179 -41.05 30.93 -5.04
CA SER E 179 -40.56 32.19 -4.47
C SER E 179 -39.20 31.96 -3.83
N ASP E 180 -38.48 30.95 -4.33
CA ASP E 180 -37.26 30.43 -3.73
C ASP E 180 -37.43 30.34 -2.22
N LEU E 181 -38.62 29.94 -1.80
CA LEU E 181 -38.95 29.56 -0.45
C LEU E 181 -39.78 28.30 -0.56
N TYR E 182 -39.72 27.46 0.47
CA TYR E 182 -40.43 26.19 0.43
C TYR E 182 -41.77 26.34 1.14
N THR E 183 -42.73 25.53 0.71
CA THR E 183 -44.07 25.52 1.30
C THR E 183 -44.59 24.10 1.32
N LEU E 184 -45.01 23.64 2.49
CA LEU E 184 -45.58 22.31 2.67
C LEU E 184 -46.89 22.41 3.39
N SER E 185 -47.61 21.29 3.42
CA SER E 185 -48.83 21.13 4.16
C SER E 185 -48.76 19.83 4.96
N SER E 186 -49.61 19.72 5.97
CA SER E 186 -49.71 18.51 6.77
C SER E 186 -51.13 18.37 7.27
N SER E 187 -51.72 17.19 7.11
CA SER E 187 -53.06 16.90 7.57
C SER E 187 -53.04 15.82 8.65
N VAL E 188 -54.04 15.87 9.53
CA VAL E 188 -54.25 14.87 10.56
C VAL E 188 -55.72 14.52 10.60
N THR E 189 -56.00 13.27 10.92
CA THR E 189 -57.38 12.77 11.02
C THR E 189 -57.69 12.38 12.45
N VAL E 190 -58.88 12.75 12.91
CA VAL E 190 -59.24 12.61 14.32
C VAL E 190 -60.73 12.29 14.43
N PRO E 191 -61.13 11.36 15.30
CA PRO E 191 -62.55 11.10 15.53
C PRO E 191 -63.23 12.29 16.19
N SER E 192 -64.50 12.52 15.80
CA SER E 192 -65.24 13.65 16.35
C SER E 192 -65.40 13.56 17.86
N SER E 193 -65.06 12.43 18.47
CA SER E 193 -65.08 12.33 19.92
C SER E 193 -63.96 13.13 20.56
N THR E 194 -62.85 13.33 19.83
CA THR E 194 -61.68 13.98 20.38
C THR E 194 -61.64 15.48 20.15
N TRP E 195 -62.29 15.95 19.09
CA TRP E 195 -62.19 17.37 18.74
C TRP E 195 -63.57 17.99 18.46
N PRO E 196 -63.77 19.24 18.91
CA PRO E 196 -62.84 20.08 19.67
C PRO E 196 -62.88 19.86 21.18
N SER E 197 -63.42 18.73 21.63
CA SER E 197 -63.50 18.48 23.07
C SER E 197 -62.12 18.47 23.70
N GLU E 198 -61.09 18.12 22.92
CA GLU E 198 -59.73 18.04 23.40
C GLU E 198 -58.81 18.82 22.46
N THR E 199 -57.79 19.44 23.04
CA THR E 199 -56.83 20.23 22.27
C THR E 199 -56.14 19.39 21.20
N VAL E 200 -56.17 19.87 19.97
CA VAL E 200 -55.29 19.40 18.90
C VAL E 200 -54.32 20.52 18.58
N THR E 201 -53.05 20.17 18.43
CA THR E 201 -52.03 21.20 18.18
C THR E 201 -50.94 20.63 17.29
N CYS E 202 -50.60 21.39 16.26
CA CYS E 202 -49.53 21.08 15.35
C CYS E 202 -48.27 21.78 15.91
N ASN E 203 -47.11 21.16 15.74
CA ASN E 203 -45.87 21.71 16.26
C ASN E 203 -44.86 21.74 15.12
N VAL E 204 -44.40 22.93 14.77
CA VAL E 204 -43.54 23.12 13.61
C VAL E 204 -42.16 23.54 14.10
N ALA E 205 -41.16 22.70 13.83
CA ALA E 205 -39.78 22.92 14.23
C ALA E 205 -38.91 23.05 12.99
N HIS E 206 -38.11 24.13 12.94
CA HIS E 206 -37.29 24.43 11.77
C HIS E 206 -35.85 24.56 12.22
N PRO E 207 -35.10 23.45 12.23
CA PRO E 207 -33.79 23.47 12.92
C PRO E 207 -32.79 24.40 12.27
N ALA E 208 -32.87 24.59 10.95
CA ALA E 208 -31.96 25.50 10.27
C ALA E 208 -31.89 26.85 10.96
N SER E 209 -33.03 27.37 11.40
CA SER E 209 -33.08 28.63 12.14
C SER E 209 -33.23 28.44 13.64
N SER E 210 -33.41 27.19 14.11
CA SER E 210 -33.75 26.91 15.51
C SER E 210 -35.03 27.62 15.91
N THR E 211 -36.05 27.51 15.07
CA THR E 211 -37.36 28.10 15.30
C THR E 211 -38.39 26.99 15.44
N LYS E 212 -39.21 27.10 16.49
CA LYS E 212 -40.24 26.11 16.78
C LYS E 212 -41.52 26.84 17.15
N VAL E 213 -42.59 26.60 16.38
CA VAL E 213 -43.86 27.30 16.54
C VAL E 213 -44.97 26.28 16.75
N ASP E 214 -45.92 26.63 17.62
CA ASP E 214 -47.05 25.78 17.97
C ASP E 214 -48.35 26.45 17.56
N LYS E 215 -49.26 25.68 16.95
CA LYS E 215 -50.57 26.18 16.55
C LYS E 215 -51.67 25.33 17.13
N LYS E 216 -52.47 25.90 18.03
CA LYS E 216 -53.69 25.23 18.45
C LYS E 216 -54.74 25.40 17.37
N ILE E 217 -55.28 24.29 16.89
CA ILE E 217 -56.39 24.32 15.94
C ILE E 217 -57.66 24.60 16.73
N VAL E 218 -58.21 25.80 16.57
CA VAL E 218 -59.42 26.20 17.28
C VAL E 218 -60.59 26.18 16.29
N PRO E 219 -61.77 25.77 16.72
CA PRO E 219 -62.91 25.65 15.78
C PRO E 219 -63.35 27.02 15.27
N ARG E 220 -63.54 27.10 13.96
CA ARG E 220 -63.96 28.36 13.33
C ARG E 220 -65.46 28.57 13.47
#